data_4Q3B
#
_entry.id   4Q3B
#
_cell.length_a   87.640
_cell.length_b   261.170
_cell.length_c   48.740
_cell.angle_alpha   90.00
_cell.angle_beta   90.00
_cell.angle_gamma   90.00
#
_symmetry.space_group_name_H-M   'P 21 21 2'
#
loop_
_entity.id
_entity.type
_entity.pdbx_description
1 polymer 'PYLD, pyrrolysine synthase'
2 non-polymer '1,4-DIHYDRONICOTINAMIDE ADENINE DINUCLEOTIDE'
3 non-polymer 'SODIUM ION'
4 non-polymer 'MAGNESIUM ION'
5 non-polymer N~6~-[(2R)-2,3,4,5-tetrahydropyridin-2-ylcarbonyl]-L-lysine
6 non-polymer 1,2-ETHANEDIOL
7 non-polymer GLYCEROL
8 non-polymer DI(HYDROXYETHYL)ETHER
9 water water
#
_entity_poly.entity_id   1
_entity_poly.type   'polypeptide(L)'
_entity_poly.pdbx_seq_one_letter_code
;SMALLTPDDLININMQLQKADSAVQEVTGLDIKGICKALYGTFSSSEKVGIVPVTSGNGIIGNFSASLHAITQYFGFDSF
VTDMPDVSGYYEAVQNGAEIILMADDRTFLAHNLKNGKMANNQPCTGIIYAEIASRYLKADSKDVLVVGLGKVGFPGAEH
LVQKDFRVYGYDADETLLERATSNLGIIPFDPANPKKFSIIFEATPCANTIPEAVLSENCVLSTPGIPCAISEELRDKYE
VQLIAEPLGIGTASMLYSVL
;
_entity_poly.pdbx_strand_id   A,B,C,D
#
loop_
_chem_comp.id
_chem_comp.type
_chem_comp.name
_chem_comp.formula
EDO non-polymer 1,2-ETHANEDIOL 'C2 H6 O2'
GOL non-polymer GLYCEROL 'C3 H8 O3'
MG non-polymer 'MAGNESIUM ION' 'Mg 2'
NA non-polymer 'SODIUM ION' 'Na 1'
NAI non-polymer '1,4-DIHYDRONICOTINAMIDE ADENINE DINUCLEOTIDE' 'C21 H29 N7 O14 P2'
PEG non-polymer DI(HYDROXYETHYL)ETHER 'C4 H10 O3'
#
# COMPACT_ATOMS: atom_id res chain seq x y z
N SER A 1 13.81 29.47 4.45
CA SER A 1 14.37 29.28 3.07
C SER A 1 13.48 28.38 2.22
N MET A 2 13.50 28.62 0.91
CA MET A 2 12.62 27.90 0.00
C MET A 2 13.41 27.43 -1.21
N ALA A 3 13.17 26.18 -1.63
CA ALA A 3 13.70 25.69 -2.90
C ALA A 3 12.62 25.89 -3.95
N LEU A 4 12.84 26.82 -4.87
CA LEU A 4 11.94 27.09 -5.99
C LEU A 4 12.73 27.15 -7.28
N LEU A 5 12.07 26.79 -8.37
CA LEU A 5 12.64 26.98 -9.71
C LEU A 5 12.90 28.45 -10.00
N THR A 6 13.93 28.71 -10.79
CA THR A 6 14.17 30.04 -11.29
C THR A 6 14.04 30.01 -12.82
N PRO A 7 13.80 31.17 -13.44
CA PRO A 7 13.60 31.15 -14.87
C PRO A 7 14.77 30.51 -15.65
N ASP A 8 16.00 30.76 -15.20
CA ASP A 8 17.18 30.17 -15.85
C ASP A 8 17.20 28.66 -15.74
N ASP A 9 16.59 28.06 -14.70
CA ASP A 9 16.51 26.60 -14.63
C ASP A 9 15.72 25.99 -15.78
N LEU A 10 14.84 26.78 -16.37
CA LEU A 10 13.83 26.29 -17.29
C LEU A 10 14.13 26.68 -18.74
N ILE A 11 15.34 27.17 -19.01
CA ILE A 11 15.64 27.58 -20.39
C ILE A 11 15.71 26.37 -21.31
N ASN A 12 15.14 26.55 -22.51
CA ASN A 12 15.03 25.48 -23.52
C ASN A 12 14.58 24.16 -22.92
N ILE A 13 13.42 24.22 -22.29
CA ILE A 13 12.82 23.05 -21.66
C ILE A 13 12.64 21.87 -22.64
N ASN A 14 12.30 22.15 -23.89
CA ASN A 14 12.14 21.08 -24.88
C ASN A 14 13.42 20.27 -25.08
N MET A 15 14.56 20.97 -25.15
CA MET A 15 15.86 20.26 -25.28
C MET A 15 16.16 19.53 -23.97
N GLN A 16 15.88 20.18 -22.83
CA GLN A 16 16.15 19.51 -21.56
C GLN A 16 15.36 18.22 -21.50
N LEU A 17 14.13 18.25 -21.92
CA LEU A 17 13.27 17.05 -21.87
C LEU A 17 13.72 15.96 -22.84
N GLN A 18 14.04 16.36 -24.05
CA GLN A 18 14.59 15.44 -25.03
C GLN A 18 15.80 14.72 -24.49
N LYS A 19 16.74 15.48 -23.95
CA LYS A 19 17.97 14.86 -23.40
C LYS A 19 17.66 13.90 -22.26
N ALA A 20 16.74 14.31 -21.41
CA ALA A 20 16.38 13.48 -20.27
C ALA A 20 15.71 12.20 -20.74
N ASP A 21 14.82 12.32 -21.71
CA ASP A 21 14.14 11.15 -22.26
C ASP A 21 15.16 10.19 -22.88
N SER A 22 16.14 10.70 -23.62
CA SER A 22 17.21 9.83 -24.20
C SER A 22 18.00 9.08 -23.12
N ALA A 23 18.33 9.78 -22.05
CA ALA A 23 19.06 9.18 -20.91
C ALA A 23 18.24 8.11 -20.21
N VAL A 24 16.95 8.37 -20.07
CA VAL A 24 16.07 7.42 -19.40
C VAL A 24 15.97 6.15 -20.24
N GLN A 25 15.79 6.32 -21.55
CA GLN A 25 15.78 5.18 -22.50
C GLN A 25 17.06 4.40 -22.49
N GLU A 26 18.20 5.09 -22.49
CA GLU A 26 19.51 4.38 -22.45
C GLU A 26 19.66 3.56 -21.16
N VAL A 27 19.23 4.16 -20.04
CA VAL A 27 19.45 3.54 -18.74
C VAL A 27 18.48 2.38 -18.52
N THR A 28 17.21 2.59 -18.84
CA THR A 28 16.16 1.64 -18.47
C THR A 28 15.57 0.81 -19.59
N GLY A 29 15.75 1.23 -20.84
CA GLY A 29 15.10 0.55 -21.97
C GLY A 29 13.74 1.13 -22.33
N LEU A 30 13.22 2.03 -21.52
CA LEU A 30 11.93 2.65 -21.75
C LEU A 30 12.08 4.16 -21.88
N ASP A 31 11.16 4.81 -22.58
CA ASP A 31 11.08 6.26 -22.53
C ASP A 31 10.26 6.67 -21.30
N ILE A 32 10.20 7.97 -21.04
CA ILE A 32 9.43 8.51 -19.94
C ILE A 32 7.97 8.01 -19.99
N LYS A 33 7.34 8.01 -21.16
CA LYS A 33 5.96 7.50 -21.26
C LYS A 33 5.86 6.05 -20.80
N GLY A 34 6.85 5.24 -21.18
CA GLY A 34 6.86 3.82 -20.82
C GLY A 34 7.08 3.63 -19.32
N ILE A 35 7.89 4.50 -18.73
CA ILE A 35 8.13 4.48 -17.29
C ILE A 35 6.80 4.79 -16.60
N CYS A 36 6.08 5.78 -17.13
CA CYS A 36 4.80 6.16 -16.50
C CYS A 36 3.79 5.06 -16.67
N LYS A 37 3.84 4.39 -17.82
CA LYS A 37 3.01 3.21 -18.07
C LYS A 37 3.31 2.06 -17.09
N ALA A 38 4.58 1.86 -16.75
CA ALA A 38 4.96 0.85 -15.77
C ALA A 38 4.44 1.17 -14.37
N LEU A 39 4.47 2.44 -13.99
CA LEU A 39 4.04 2.89 -12.66
C LEU A 39 2.52 2.89 -12.47
N TYR A 40 1.79 3.32 -13.51
CA TYR A 40 0.43 3.69 -13.39
C TYR A 40 -0.52 2.99 -14.33
N GLY A 41 0.00 2.37 -15.38
CA GLY A 41 -0.81 1.64 -16.34
C GLY A 41 -1.49 2.51 -17.37
N THR A 42 -1.13 3.80 -17.41
CA THR A 42 -1.93 4.75 -18.15
C THR A 42 -1.15 5.28 -19.37
N PHE A 43 -1.89 5.85 -20.30
CA PHE A 43 -1.34 6.51 -21.48
C PHE A 43 -2.23 7.71 -21.79
N SER A 44 -1.65 8.70 -22.47
CA SER A 44 -2.34 9.92 -22.79
C SER A 44 -3.22 9.75 -24.01
N SER A 45 -4.35 10.44 -23.99
CA SER A 45 -5.34 10.45 -25.08
C SER A 45 -5.86 11.85 -25.30
N SER A 46 -4.95 12.82 -25.32
CA SER A 46 -5.23 14.21 -25.62
C SER A 46 -6.20 14.82 -24.64
N GLU A 47 -6.04 14.45 -23.37
CA GLU A 47 -6.88 15.04 -22.32
C GLU A 47 -6.57 16.52 -22.26
N LYS A 48 -7.60 17.32 -22.03
CA LYS A 48 -7.43 18.75 -21.96
C LYS A 48 -6.88 19.18 -20.60
N VAL A 49 -5.77 19.90 -20.62
CA VAL A 49 -5.11 20.30 -19.41
C VAL A 49 -5.05 21.82 -19.29
N GLY A 50 -5.70 22.39 -18.26
CA GLY A 50 -5.59 23.81 -18.00
C GLY A 50 -4.52 24.14 -16.99
N ILE A 51 -3.62 25.05 -17.37
CA ILE A 51 -2.47 25.44 -16.58
C ILE A 51 -2.79 26.81 -16.05
N VAL A 52 -2.90 26.96 -14.74
CA VAL A 52 -3.29 28.22 -14.14
C VAL A 52 -2.08 28.88 -13.46
N PRO A 53 -1.63 30.05 -13.95
CA PRO A 53 -0.59 30.77 -13.21
C PRO A 53 -1.11 31.20 -11.82
N VAL A 54 -0.22 31.17 -10.85
CA VAL A 54 -0.50 31.53 -9.45
C VAL A 54 0.49 32.60 -8.89
N THR A 55 -0.10 33.71 -8.43
CA THR A 55 0.66 34.87 -7.89
C THR A 55 0.94 34.78 -6.37
N SER A 56 0.46 33.70 -5.76
CA SER A 56 0.69 33.37 -4.35
C SER A 56 2.16 33.35 -3.92
N GLY A 57 2.43 33.87 -2.71
CA GLY A 57 3.74 33.72 -2.10
C GLY A 57 4.77 34.48 -2.90
N ASN A 58 5.85 33.83 -3.30
CA ASN A 58 6.83 34.53 -4.13
C ASN A 58 6.39 34.87 -5.55
N GLY A 59 5.25 34.33 -5.97
CA GLY A 59 4.59 34.79 -7.17
C GLY A 59 4.89 33.96 -8.42
N ILE A 60 4.48 34.48 -9.56
CA ILE A 60 4.60 33.78 -10.81
C ILE A 60 6.08 33.66 -11.09
N ILE A 61 6.49 32.45 -11.47
CA ILE A 61 7.89 32.20 -11.89
C ILE A 61 8.05 32.31 -13.41
N GLY A 62 8.96 33.18 -13.85
CA GLY A 62 9.36 33.27 -15.25
C GLY A 62 9.58 31.88 -15.83
N ASN A 63 8.95 31.63 -16.95
CA ASN A 63 9.09 30.41 -17.71
C ASN A 63 8.25 29.22 -17.20
N PHE A 64 7.61 29.38 -16.05
CA PHE A 64 7.02 28.23 -15.41
C PHE A 64 5.82 27.71 -16.19
N SER A 65 4.78 28.54 -16.36
CA SER A 65 3.62 28.13 -17.15
C SER A 65 4.02 27.75 -18.58
N ALA A 66 4.89 28.56 -19.21
CA ALA A 66 5.31 28.23 -20.54
C ALA A 66 5.95 26.84 -20.58
N SER A 67 6.71 26.48 -19.54
CA SER A 67 7.39 25.19 -19.53
C SER A 67 6.37 24.05 -19.37
N LEU A 68 5.40 24.26 -18.47
CA LEU A 68 4.33 23.29 -18.32
C LEU A 68 3.55 23.13 -19.62
N HIS A 69 3.33 24.21 -20.34
CA HIS A 69 2.66 24.19 -21.63
C HIS A 69 3.39 23.27 -22.64
N ALA A 70 4.71 23.43 -22.72
CA ALA A 70 5.59 22.62 -23.57
C ALA A 70 5.66 21.15 -23.11
N ILE A 71 5.77 20.94 -21.79
CA ILE A 71 5.86 19.61 -21.21
C ILE A 71 4.61 18.79 -21.51
N THR A 72 3.45 19.39 -21.27
CA THR A 72 2.20 18.71 -21.49
C THR A 72 1.94 18.40 -22.97
N GLN A 73 2.29 19.31 -23.85
CA GLN A 73 2.20 19.08 -25.30
C GLN A 73 3.14 17.93 -25.66
N TYR A 74 4.36 17.94 -25.12
CA TYR A 74 5.36 16.87 -25.41
C TYR A 74 4.83 15.47 -25.11
N PHE A 75 4.08 15.34 -24.02
CA PHE A 75 3.47 14.06 -23.64
C PHE A 75 2.11 13.76 -24.29
N GLY A 76 1.64 14.67 -25.14
CA GLY A 76 0.44 14.46 -25.94
C GLY A 76 -0.87 14.90 -25.26
N PHE A 77 -0.81 15.78 -24.27
CA PHE A 77 -2.03 16.39 -23.70
C PHE A 77 -2.45 17.65 -24.50
N ASP A 78 -3.76 17.94 -24.54
CA ASP A 78 -4.29 19.18 -25.16
C ASP A 78 -4.28 20.32 -24.14
N SER A 79 -3.12 20.95 -23.99
CA SER A 79 -2.96 21.88 -22.85
C SER A 79 -3.11 23.34 -23.26
N PHE A 80 -3.40 24.19 -22.28
CA PHE A 80 -3.47 25.61 -22.50
C PHE A 80 -3.15 26.33 -21.22
N VAL A 81 -2.71 27.57 -21.34
CA VAL A 81 -2.46 28.43 -20.18
C VAL A 81 -3.53 29.52 -20.07
N THR A 82 -4.10 29.69 -18.88
CA THR A 82 -5.11 30.71 -18.74
C THR A 82 -4.47 32.10 -18.78
N ASP A 83 -5.19 33.07 -19.33
CA ASP A 83 -4.84 34.50 -19.25
C ASP A 83 -4.77 35.02 -17.83
N MET A 84 -5.81 34.72 -17.08
CA MET A 84 -5.93 35.21 -15.71
C MET A 84 -5.23 34.25 -14.76
N PRO A 85 -4.70 34.79 -13.66
CA PRO A 85 -4.14 33.91 -12.65
C PRO A 85 -5.17 33.56 -11.54
N ASP A 86 -4.75 32.70 -10.64
CA ASP A 86 -5.38 32.47 -9.34
C ASP A 86 -6.84 31.98 -9.54
N VAL A 87 -7.81 32.47 -8.75
CA VAL A 87 -9.16 31.94 -8.83
C VAL A 87 -9.82 32.28 -10.16
N SER A 88 -9.56 33.48 -10.67
CA SER A 88 -10.10 33.89 -11.95
C SER A 88 -9.55 32.99 -13.08
N GLY A 89 -8.29 32.59 -12.95
CA GLY A 89 -7.66 31.63 -13.87
C GLY A 89 -8.29 30.26 -13.74
N TYR A 90 -8.58 29.85 -12.51
CA TYR A 90 -9.18 28.55 -12.28
C TYR A 90 -10.53 28.46 -12.97
N TYR A 91 -11.35 29.48 -12.78
CA TYR A 91 -12.65 29.60 -13.42
C TYR A 91 -12.51 29.53 -14.97
N GLU A 92 -11.62 30.35 -15.49
CA GLU A 92 -11.33 30.37 -16.94
C GLU A 92 -10.98 28.94 -17.45
N ALA A 93 -10.13 28.22 -16.73
CA ALA A 93 -9.74 26.86 -17.10
C ALA A 93 -10.93 25.93 -17.16
N VAL A 94 -11.75 25.96 -16.10
CA VAL A 94 -12.90 25.06 -16.02
C VAL A 94 -13.92 25.42 -17.10
N GLN A 95 -14.21 26.69 -17.25
CA GLN A 95 -15.13 27.17 -18.27
C GLN A 95 -14.63 26.74 -19.69
N ASN A 96 -13.32 26.78 -19.92
CA ASN A 96 -12.76 26.43 -21.23
C ASN A 96 -12.55 24.94 -21.43
N GLY A 97 -13.09 24.14 -20.52
CA GLY A 97 -13.22 22.71 -20.72
C GLY A 97 -12.06 21.85 -20.26
N ALA A 98 -11.19 22.38 -19.40
CA ALA A 98 -10.10 21.57 -18.85
C ALA A 98 -10.65 20.36 -18.11
N GLU A 99 -10.02 19.20 -18.34
CA GLU A 99 -10.31 17.97 -17.62
C GLU A 99 -9.37 17.81 -16.46
N ILE A 100 -8.15 18.34 -16.60
CA ILE A 100 -7.14 18.29 -15.55
C ILE A 100 -6.63 19.72 -15.31
N ILE A 101 -6.53 20.10 -14.05
CA ILE A 101 -6.03 21.41 -13.62
C ILE A 101 -4.59 21.19 -13.14
N LEU A 102 -3.68 22.05 -13.60
CA LEU A 102 -2.29 22.04 -13.18
C LEU A 102 -1.98 23.40 -12.62
N MET A 103 -1.57 23.47 -11.35
CA MET A 103 -1.26 24.74 -10.73
C MET A 103 -0.42 24.55 -9.46
N ALA A 104 0.27 25.61 -9.07
CA ALA A 104 1.28 25.50 -8.07
C ALA A 104 1.39 26.79 -7.33
N ASP A 105 1.45 26.70 -6.00
CA ASP A 105 1.95 27.80 -5.20
C ASP A 105 3.32 27.36 -4.66
N ASP A 106 3.87 28.07 -3.69
CA ASP A 106 5.23 27.76 -3.21
C ASP A 106 5.36 26.51 -2.37
N ARG A 107 4.23 25.96 -1.92
CA ARG A 107 4.25 24.79 -1.09
C ARG A 107 3.67 23.54 -1.76
N THR A 108 2.79 23.75 -2.72
CA THR A 108 2.10 22.63 -3.39
C THR A 108 1.99 22.85 -4.90
N PHE A 109 2.32 21.80 -5.64
CA PHE A 109 2.19 21.78 -7.09
C PHE A 109 1.33 20.54 -7.33
N LEU A 110 0.15 20.75 -7.89
CA LEU A 110 -0.81 19.65 -8.03
C LEU A 110 -1.35 19.49 -9.42
N ALA A 111 -1.88 18.29 -9.68
CA ALA A 111 -2.69 18.02 -10.83
C ALA A 111 -3.98 17.40 -10.29
N HIS A 112 -5.12 17.99 -10.65
CA HIS A 112 -6.43 17.47 -10.32
C HIS A 112 -7.22 17.12 -11.58
N ASN A 113 -7.55 15.85 -11.72
CA ASN A 113 -8.40 15.36 -12.81
C ASN A 113 -9.85 15.50 -12.34
N LEU A 114 -10.57 16.40 -13.00
CA LEU A 114 -11.94 16.75 -12.61
C LEU A 114 -12.90 15.64 -13.02
N LYS A 115 -12.46 14.76 -13.93
CA LYS A 115 -13.36 13.74 -14.48
C LYS A 115 -13.42 12.49 -13.65
N ASN A 116 -12.32 12.09 -13.06
CA ASN A 116 -12.30 10.90 -12.18
C ASN A 116 -11.93 11.24 -10.75
N GLY A 117 -11.68 12.51 -10.45
CA GLY A 117 -11.44 12.93 -9.07
C GLY A 117 -10.04 12.63 -8.54
N LYS A 118 -9.13 12.10 -9.35
CA LYS A 118 -7.80 11.80 -8.84
C LYS A 118 -6.97 13.11 -8.75
N MET A 119 -6.19 13.27 -7.70
CA MET A 119 -5.33 14.45 -7.52
C MET A 119 -3.93 13.96 -7.13
N ALA A 120 -2.91 14.58 -7.73
CA ALA A 120 -1.53 14.24 -7.48
C ALA A 120 -0.81 15.41 -6.87
N ASN A 121 0.12 15.16 -5.97
CA ASN A 121 1.05 16.16 -5.44
C ASN A 121 2.42 15.93 -6.09
N ASN A 122 3.03 16.98 -6.65
CA ASN A 122 4.36 16.90 -7.29
C ASN A 122 5.46 16.18 -6.50
N GLN A 123 5.51 16.37 -5.18
CA GLN A 123 6.62 15.89 -4.36
C GLN A 123 6.73 14.36 -4.34
N PRO A 124 5.68 13.66 -3.88
CA PRO A 124 5.76 12.22 -4.05
C PRO A 124 5.83 11.70 -5.50
N CYS A 125 5.16 12.35 -6.42
CA CYS A 125 5.18 11.92 -7.80
C CYS A 125 6.57 12.01 -8.40
N THR A 126 7.29 13.09 -8.09
CA THR A 126 8.67 13.26 -8.50
C THR A 126 9.56 12.24 -7.87
N GLY A 127 9.42 12.04 -6.55
CA GLY A 127 10.25 11.07 -5.84
C GLY A 127 10.09 9.65 -6.40
N ILE A 128 8.84 9.27 -6.63
CA ILE A 128 8.54 7.93 -7.11
C ILE A 128 9.16 7.68 -8.51
N ILE A 129 8.97 8.63 -9.43
CA ILE A 129 9.41 8.37 -10.79
C ILE A 129 10.92 8.37 -10.90
N TYR A 130 11.60 9.28 -10.20
CA TYR A 130 13.06 9.32 -10.24
C TYR A 130 13.65 8.10 -9.55
N ALA A 131 12.98 7.61 -8.51
CA ALA A 131 13.39 6.35 -7.91
C ALA A 131 13.13 5.16 -8.83
N GLU A 132 12.00 5.19 -9.51
CA GLU A 132 11.62 4.10 -10.40
C GLU A 132 12.65 4.01 -11.52
N ILE A 133 13.01 5.16 -12.10
CA ILE A 133 14.02 5.17 -13.20
C ILE A 133 15.34 4.58 -12.76
N ALA A 134 15.82 5.03 -11.60
CA ALA A 134 17.08 4.53 -10.99
C ALA A 134 17.08 3.01 -10.89
N SER A 135 16.01 2.53 -10.27
CA SER A 135 15.82 1.11 -9.98
C SER A 135 15.76 0.22 -11.24
N ARG A 136 15.43 0.80 -12.39
CA ARG A 136 15.33 0.05 -13.66
C ARG A 136 16.62 0.10 -14.48
N TYR A 137 17.72 0.53 -13.85
CA TYR A 137 19.03 0.57 -14.50
C TYR A 137 19.39 -0.83 -14.93
N LEU A 138 19.42 -1.03 -16.24
CA LEU A 138 19.43 -2.37 -16.84
C LEU A 138 20.68 -3.15 -16.46
N LYS A 139 21.80 -2.44 -16.31
CA LYS A 139 23.10 -3.06 -16.08
C LYS A 139 23.58 -2.85 -14.65
N ALA A 140 22.62 -2.72 -13.73
CA ALA A 140 22.95 -2.45 -12.33
C ALA A 140 23.67 -3.61 -11.66
N ASP A 141 23.24 -4.84 -11.91
CA ASP A 141 23.87 -6.04 -11.30
C ASP A 141 23.81 -6.05 -9.76
N SER A 142 22.81 -5.38 -9.19
CA SER A 142 22.69 -5.24 -7.72
C SER A 142 21.31 -4.67 -7.35
N LYS A 143 20.83 -4.97 -6.15
CA LYS A 143 19.59 -4.36 -5.69
C LYS A 143 19.81 -3.37 -4.55
N ASP A 144 21.07 -2.96 -4.36
CA ASP A 144 21.39 -1.93 -3.36
C ASP A 144 21.18 -0.58 -4.02
N VAL A 145 20.47 0.31 -3.33
CA VAL A 145 20.26 1.66 -3.80
C VAL A 145 20.61 2.61 -2.65
N LEU A 146 21.33 3.68 -2.99
CA LEU A 146 21.63 4.76 -2.06
C LEU A 146 20.67 5.91 -2.29
N VAL A 147 20.00 6.37 -1.23
CA VAL A 147 19.07 7.48 -1.35
C VAL A 147 19.64 8.61 -0.49
N VAL A 148 19.88 9.76 -1.11
CA VAL A 148 20.50 10.89 -0.42
C VAL A 148 19.52 12.04 -0.40
N GLY A 149 19.04 12.41 0.78
CA GLY A 149 17.94 13.37 0.90
C GLY A 149 16.66 12.62 1.11
N LEU A 150 16.07 12.78 2.29
CA LEU A 150 14.86 12.06 2.74
C LEU A 150 13.75 13.01 3.14
N GLY A 151 13.61 14.10 2.36
CA GLY A 151 12.59 15.12 2.55
C GLY A 151 11.34 14.82 1.79
N LYS A 152 10.68 15.87 1.31
CA LYS A 152 9.38 15.71 0.70
C LYS A 152 9.40 14.92 -0.60
N VAL A 153 10.50 15.04 -1.34
CA VAL A 153 10.71 14.25 -2.55
C VAL A 153 11.40 12.93 -2.25
N GLY A 154 12.44 12.94 -1.42
CA GLY A 154 13.29 11.77 -1.20
C GLY A 154 12.64 10.65 -0.40
N PHE A 155 11.86 11.01 0.63
CA PHE A 155 11.16 10.00 1.44
C PHE A 155 10.19 9.14 0.61
N PRO A 156 9.29 9.75 -0.19
CA PRO A 156 8.44 8.90 -1.00
C PRO A 156 9.19 8.05 -2.04
N GLY A 157 10.29 8.58 -2.58
CA GLY A 157 11.14 7.77 -3.43
C GLY A 157 11.71 6.54 -2.73
N ALA A 158 12.30 6.72 -1.58
CA ALA A 158 12.81 5.62 -0.74
C ALA A 158 11.71 4.60 -0.40
N GLU A 159 10.54 5.10 -0.01
CA GLU A 159 9.38 4.24 0.30
C GLU A 159 9.00 3.32 -0.88
N HIS A 160 9.01 3.91 -2.08
CA HIS A 160 8.72 3.21 -3.32
C HIS A 160 9.75 2.11 -3.57
N LEU A 161 11.02 2.44 -3.42
CA LEU A 161 12.09 1.47 -3.57
C LEU A 161 11.96 0.32 -2.57
N VAL A 162 11.56 0.65 -1.32
CA VAL A 162 11.37 -0.38 -0.33
C VAL A 162 10.21 -1.28 -0.78
N GLN A 163 9.11 -0.69 -1.23
CA GLN A 163 7.97 -1.47 -1.75
C GLN A 163 8.36 -2.38 -2.94
N LYS A 164 9.21 -1.85 -3.80
CA LYS A 164 9.72 -2.62 -4.97
C LYS A 164 10.81 -3.66 -4.63
N ASP A 165 11.10 -3.79 -3.35
CA ASP A 165 11.94 -4.87 -2.80
C ASP A 165 13.44 -4.68 -3.14
N PHE A 166 13.87 -3.42 -3.25
CA PHE A 166 15.28 -3.06 -3.20
C PHE A 166 15.83 -2.97 -1.77
N ARG A 167 17.15 -3.10 -1.65
CA ARG A 167 17.86 -2.95 -0.39
C ARG A 167 18.30 -1.50 -0.36
N VAL A 168 17.56 -0.71 0.41
CA VAL A 168 17.68 0.73 0.39
C VAL A 168 18.53 1.27 1.53
N TYR A 169 19.59 2.00 1.18
CA TYR A 169 20.43 2.66 2.15
C TYR A 169 20.11 4.12 2.07
N GLY A 170 19.95 4.79 3.19
CA GLY A 170 19.55 6.19 3.14
C GLY A 170 20.44 7.09 3.98
N TYR A 171 20.59 8.33 3.53
CA TYR A 171 21.33 9.35 4.27
C TYR A 171 20.64 10.69 4.14
N ASP A 172 20.53 11.43 5.23
CA ASP A 172 20.08 12.83 5.19
C ASP A 172 20.93 13.53 6.23
N ALA A 173 21.43 14.71 5.88
CA ALA A 173 22.30 15.48 6.78
C ALA A 173 21.58 15.92 8.05
N ASP A 174 20.25 15.90 8.03
CA ASP A 174 19.43 16.13 9.21
C ASP A 174 19.15 14.80 9.88
N GLU A 175 19.74 14.60 11.06
CA GLU A 175 19.64 13.32 11.78
C GLU A 175 18.21 12.88 12.07
N THR A 176 17.33 13.85 12.28
CA THR A 176 15.92 13.61 12.60
C THR A 176 15.15 13.03 11.39
N LEU A 177 15.42 13.58 10.21
CA LEU A 177 14.84 13.05 8.99
C LEU A 177 15.34 11.63 8.75
N LEU A 178 16.63 11.39 9.02
CA LEU A 178 17.21 10.08 8.79
C LEU A 178 16.53 9.07 9.73
N GLU A 179 16.48 9.43 11.01
CA GLU A 179 15.84 8.59 12.00
C GLU A 179 14.38 8.31 11.63
N ARG A 180 13.65 9.32 11.17
CA ARG A 180 12.28 9.13 10.77
C ARG A 180 12.14 8.14 9.62
N ALA A 181 13.06 8.20 8.65
CA ALA A 181 13.02 7.27 7.54
C ALA A 181 13.31 5.85 8.00
N THR A 182 14.34 5.67 8.83
CA THR A 182 14.73 4.31 9.29
C THR A 182 13.61 3.68 10.14
N SER A 183 12.95 4.48 10.98
CA SER A 183 11.92 3.91 11.86
C SER A 183 10.57 3.74 11.16
N ASN A 184 10.28 4.55 10.13
CA ASN A 184 9.00 4.42 9.42
C ASN A 184 9.09 3.50 8.19
N LEU A 185 10.24 3.50 7.51
CA LEU A 185 10.41 2.65 6.31
C LEU A 185 11.26 1.39 6.49
N GLY A 186 12.10 1.35 7.52
CA GLY A 186 13.02 0.23 7.72
C GLY A 186 14.24 0.27 6.82
N ILE A 187 14.56 1.41 6.23
CA ILE A 187 15.77 1.51 5.42
C ILE A 187 17.02 1.40 6.33
N ILE A 188 18.16 1.16 5.69
CA ILE A 188 19.44 1.05 6.37
C ILE A 188 20.05 2.45 6.42
N PRO A 189 20.38 2.96 7.62
CA PRO A 189 21.07 4.24 7.63
C PRO A 189 22.46 4.09 7.04
N PHE A 190 22.78 4.95 6.08
CA PHE A 190 24.09 4.98 5.48
C PHE A 190 24.99 5.84 6.36
N ASP A 191 26.19 5.34 6.60
CA ASP A 191 27.20 6.03 7.40
C ASP A 191 28.29 6.50 6.43
N PRO A 192 28.39 7.84 6.20
CA PRO A 192 29.37 8.40 5.23
C PRO A 192 30.84 8.08 5.51
N ALA A 193 31.19 7.90 6.78
CA ALA A 193 32.55 7.53 7.16
C ALA A 193 32.87 6.09 6.77
N ASN A 194 31.85 5.24 6.67
CA ASN A 194 32.02 3.84 6.24
C ASN A 194 31.30 3.60 4.92
N PRO A 195 31.82 4.18 3.83
CA PRO A 195 31.12 4.08 2.56
C PRO A 195 31.22 2.71 1.91
N LYS A 196 30.33 2.46 0.97
CA LYS A 196 30.46 1.37 0.02
C LYS A 196 30.00 1.93 -1.31
N LYS A 197 30.30 1.20 -2.36
CA LYS A 197 30.01 1.66 -3.72
C LYS A 197 28.67 1.16 -4.23
N PHE A 198 27.99 2.03 -4.97
CA PHE A 198 26.67 1.72 -5.51
C PHE A 198 26.69 1.86 -7.00
N SER A 199 25.88 1.05 -7.69
CA SER A 199 25.61 1.30 -9.09
C SER A 199 24.30 2.06 -9.29
N ILE A 200 23.45 2.15 -8.25
CA ILE A 200 22.21 2.92 -8.35
C ILE A 200 22.11 3.93 -7.20
N ILE A 201 21.92 5.19 -7.56
CA ILE A 201 21.88 6.30 -6.59
C ILE A 201 20.70 7.22 -6.94
N PHE A 202 19.93 7.58 -5.93
CA PHE A 202 18.83 8.52 -6.11
C PHE A 202 19.13 9.67 -5.18
N GLU A 203 19.10 10.89 -5.68
CA GLU A 203 19.42 12.05 -4.85
C GLU A 203 18.34 13.11 -4.95
N ALA A 204 17.91 13.64 -3.81
CA ALA A 204 16.85 14.63 -3.78
C ALA A 204 17.12 15.71 -2.72
N THR A 205 18.10 16.56 -3.00
CA THR A 205 18.62 17.58 -2.06
C THR A 205 18.70 18.92 -2.84
N PRO A 206 18.61 20.08 -2.17
CA PRO A 206 18.81 21.35 -2.90
C PRO A 206 20.26 21.86 -2.91
N CYS A 207 21.21 20.93 -2.84
CA CYS A 207 22.62 21.22 -2.57
C CYS A 207 23.54 20.59 -3.59
N ALA A 208 24.61 21.30 -3.89
CA ALA A 208 25.64 20.77 -4.79
C ALA A 208 26.55 19.76 -4.11
N ASN A 209 27.11 18.86 -4.90
CA ASN A 209 28.19 17.95 -4.50
C ASN A 209 27.89 17.15 -3.23
N THR A 210 26.69 16.55 -3.18
CA THR A 210 26.29 15.74 -2.04
C THR A 210 26.76 14.30 -2.18
N ILE A 211 27.12 13.88 -3.38
CA ILE A 211 27.51 12.50 -3.65
C ILE A 211 29.05 12.38 -3.61
N PRO A 212 29.59 11.71 -2.57
CA PRO A 212 31.02 11.57 -2.45
C PRO A 212 31.62 10.51 -3.38
N GLU A 213 32.82 10.78 -3.87
CA GLU A 213 33.49 9.90 -4.81
C GLU A 213 33.47 8.42 -4.39
N ALA A 214 33.60 8.21 -3.08
CA ALA A 214 33.71 6.86 -2.54
C ALA A 214 32.49 5.96 -2.81
N VAL A 215 31.30 6.54 -2.91
CA VAL A 215 30.10 5.72 -3.16
C VAL A 215 29.90 5.41 -4.65
N LEU A 216 30.68 6.08 -5.51
CA LEU A 216 30.55 5.91 -6.95
C LEU A 216 31.18 4.61 -7.43
N SER A 217 30.61 4.08 -8.51
CA SER A 217 31.24 3.00 -9.27
C SER A 217 31.13 3.41 -10.71
N GLU A 218 31.98 2.83 -11.56
CA GLU A 218 31.94 3.16 -12.98
C GLU A 218 30.58 2.85 -13.59
N ASN A 219 30.08 3.81 -14.38
CA ASN A 219 28.85 3.67 -15.15
C ASN A 219 27.59 3.66 -14.31
N CYS A 220 27.72 4.05 -13.04
CA CYS A 220 26.58 4.03 -12.13
C CYS A 220 25.54 5.06 -12.56
N VAL A 221 24.30 4.79 -12.18
CA VAL A 221 23.21 5.69 -12.44
C VAL A 221 23.01 6.59 -11.21
N LEU A 222 22.83 7.86 -11.51
CA LEU A 222 22.47 8.90 -10.56
C LEU A 222 21.22 9.57 -11.09
N SER A 223 20.10 9.25 -10.46
CA SER A 223 18.80 9.77 -10.79
C SER A 223 18.49 10.82 -9.76
N THR A 224 18.37 12.07 -10.22
CA THR A 224 18.23 13.16 -9.28
C THR A 224 17.36 14.31 -9.77
N PRO A 225 16.23 14.56 -9.08
CA PRO A 225 15.52 15.79 -9.37
C PRO A 225 16.16 17.03 -8.68
N GLY A 226 17.08 16.82 -7.76
CA GLY A 226 17.63 17.92 -6.96
C GLY A 226 18.30 18.98 -7.82
N ILE A 227 18.23 20.23 -7.37
CA ILE A 227 18.86 21.34 -8.08
C ILE A 227 19.63 22.18 -7.06
N PRO A 228 20.89 22.55 -7.36
CA PRO A 228 21.73 22.22 -8.51
C PRO A 228 22.28 20.79 -8.47
N CYS A 229 23.17 20.46 -9.41
CA CYS A 229 23.64 19.08 -9.54
C CYS A 229 24.34 18.52 -8.28
N ALA A 230 23.96 17.28 -7.94
CA ALA A 230 24.47 16.59 -6.78
C ALA A 230 25.93 16.14 -6.89
N ILE A 231 26.44 16.13 -8.11
CA ILE A 231 27.78 15.63 -8.42
C ILE A 231 28.47 16.65 -9.30
N SER A 232 29.76 16.89 -9.07
CA SER A 232 30.58 17.75 -9.94
C SER A 232 30.75 17.15 -11.32
N GLU A 233 31.10 17.99 -12.31
CA GLU A 233 31.39 17.50 -13.67
C GLU A 233 32.57 16.56 -13.62
N GLU A 234 33.58 16.91 -12.83
CA GLU A 234 34.81 16.11 -12.70
C GLU A 234 34.51 14.67 -12.30
N LEU A 235 33.72 14.51 -11.25
CA LEU A 235 33.35 13.18 -10.77
C LEU A 235 32.39 12.49 -11.71
N ARG A 236 31.47 13.24 -12.31
CA ARG A 236 30.58 12.70 -13.34
C ARG A 236 31.37 12.09 -14.50
N ASP A 237 32.31 12.87 -15.02
CA ASP A 237 33.18 12.44 -16.12
C ASP A 237 34.07 11.27 -15.71
N LYS A 238 34.76 11.40 -14.58
CA LYS A 238 35.70 10.39 -14.10
C LYS A 238 35.10 8.98 -13.97
N TYR A 239 33.85 8.88 -13.52
CA TYR A 239 33.19 7.59 -13.37
C TYR A 239 32.18 7.30 -14.47
N GLU A 240 32.12 8.14 -15.49
CA GLU A 240 31.15 8.01 -16.57
C GLU A 240 29.73 7.78 -16.01
N VAL A 241 29.36 8.63 -15.05
CA VAL A 241 28.07 8.52 -14.36
C VAL A 241 26.96 8.81 -15.34
N GLN A 242 25.99 7.92 -15.40
CA GLN A 242 24.80 8.11 -16.24
C GLN A 242 23.73 8.90 -15.43
N LEU A 243 23.68 10.20 -15.71
CA LEU A 243 22.87 11.13 -15.01
C LEU A 243 21.47 11.28 -15.64
N ILE A 244 20.45 11.21 -14.79
CA ILE A 244 19.10 11.59 -15.12
C ILE A 244 18.72 12.77 -14.23
N ALA A 245 18.48 13.91 -14.84
CA ALA A 245 18.33 15.14 -14.09
C ALA A 245 17.73 16.21 -14.98
N GLU A 246 16.52 16.62 -14.64
CA GLU A 246 15.74 17.51 -15.42
C GLU A 246 14.83 18.28 -14.40
N PRO A 247 14.52 19.58 -14.66
CA PRO A 247 13.97 20.47 -13.60
C PRO A 247 12.48 20.48 -13.36
N LEU A 248 11.69 19.87 -14.23
CA LEU A 248 10.23 19.98 -14.09
C LEU A 248 9.44 18.91 -14.82
N GLY A 249 9.91 18.50 -15.99
CA GLY A 249 9.11 17.68 -16.88
C GLY A 249 8.87 16.24 -16.49
N ILE A 250 9.89 15.56 -15.96
CA ILE A 250 9.75 14.18 -15.52
C ILE A 250 8.72 14.13 -14.36
N GLY A 251 8.84 15.00 -13.37
CA GLY A 251 7.90 14.98 -12.25
C GLY A 251 6.52 15.38 -12.66
N THR A 252 6.42 16.27 -13.66
CA THR A 252 5.13 16.68 -14.20
C THR A 252 4.46 15.51 -14.90
N ALA A 253 5.22 14.79 -15.71
CA ALA A 253 4.69 13.60 -16.35
C ALA A 253 4.15 12.63 -15.29
N SER A 254 4.93 12.41 -14.24
CA SER A 254 4.51 11.45 -13.20
C SER A 254 3.16 11.85 -12.58
N MET A 255 2.98 13.14 -12.29
CA MET A 255 1.71 13.68 -11.80
C MET A 255 0.56 13.45 -12.79
N LEU A 256 0.79 13.79 -14.07
CA LEU A 256 -0.26 13.65 -15.06
C LEU A 256 -0.65 12.19 -15.28
N TYR A 257 0.31 11.29 -15.48
CA TYR A 257 -0.03 9.89 -15.72
C TYR A 257 -0.67 9.21 -14.47
N SER A 258 -0.36 9.72 -13.29
CA SER A 258 -0.89 9.17 -12.05
C SER A 258 -2.39 9.48 -11.85
N VAL A 259 -2.90 10.51 -12.53
CA VAL A 259 -4.32 10.93 -12.37
C VAL A 259 -5.18 10.49 -13.54
N LEU A 260 -4.56 9.82 -14.52
CA LEU A 260 -5.33 9.31 -15.64
C LEU A 260 -6.10 8.08 -15.22
N SER B 1 -22.26 -27.14 8.34
CA SER B 1 -21.16 -27.36 7.33
C SER B 1 -20.06 -26.33 7.54
N MET B 2 -18.86 -26.64 7.10
CA MET B 2 -17.70 -25.81 7.40
C MET B 2 -16.74 -25.78 6.22
N ALA B 3 -16.31 -24.59 5.83
CA ALA B 3 -15.25 -24.47 4.84
C ALA B 3 -13.92 -24.53 5.59
N LEU B 4 -13.16 -25.60 5.38
CA LEU B 4 -11.87 -25.79 6.01
C LEU B 4 -10.85 -26.28 4.99
N LEU B 5 -9.65 -25.73 5.09
CA LEU B 5 -8.54 -26.24 4.28
C LEU B 5 -8.36 -27.75 4.49
N THR B 6 -7.93 -28.45 3.44
CA THR B 6 -7.53 -29.85 3.55
C THR B 6 -6.02 -29.95 3.30
N PRO B 7 -5.38 -31.03 3.77
CA PRO B 7 -3.95 -31.18 3.51
C PRO B 7 -3.59 -31.03 2.02
N ASP B 8 -4.47 -31.50 1.14
CA ASP B 8 -4.17 -31.49 -0.29
C ASP B 8 -4.14 -30.06 -0.80
N ASP B 9 -4.90 -29.16 -0.18
CA ASP B 9 -4.86 -27.74 -0.57
C ASP B 9 -3.48 -27.09 -0.37
N LEU B 10 -2.68 -27.66 0.52
CA LEU B 10 -1.47 -27.01 1.08
C LEU B 10 -0.17 -27.67 0.59
N ILE B 11 -0.29 -28.58 -0.34
CA ILE B 11 0.89 -29.24 -0.93
C ILE B 11 1.78 -28.23 -1.64
N ASN B 12 3.07 -28.35 -1.36
CA ASN B 12 4.14 -27.49 -1.90
C ASN B 12 3.76 -26.04 -1.80
N ILE B 13 3.45 -25.63 -0.58
CA ILE B 13 3.02 -24.27 -0.33
C ILE B 13 4.04 -23.21 -0.79
N ASN B 14 5.34 -23.47 -0.68
CA ASN B 14 6.34 -22.50 -1.20
C ASN B 14 6.15 -22.22 -2.70
N MET B 15 5.81 -23.24 -3.48
CA MET B 15 5.61 -23.04 -4.93
C MET B 15 4.29 -22.32 -5.13
N GLN B 16 3.29 -22.69 -4.33
CA GLN B 16 2.02 -21.95 -4.44
C GLN B 16 2.22 -20.45 -4.19
N LEU B 17 3.02 -20.13 -3.18
CA LEU B 17 3.29 -18.72 -2.87
C LEU B 17 4.15 -18.09 -3.97
N GLN B 18 5.08 -18.85 -4.50
CA GLN B 18 5.95 -18.29 -5.53
C GLN B 18 5.11 -17.88 -6.73
N LYS B 19 4.21 -18.76 -7.16
CA LYS B 19 3.36 -18.47 -8.32
C LYS B 19 2.43 -17.30 -8.06
N ALA B 20 1.88 -17.25 -6.85
CA ALA B 20 0.97 -16.19 -6.52
C ALA B 20 1.69 -14.87 -6.55
N ASP B 21 2.88 -14.82 -5.96
CA ASP B 21 3.68 -13.58 -5.94
C ASP B 21 3.97 -13.07 -7.37
N SER B 22 4.37 -13.98 -8.26
CA SER B 22 4.64 -13.60 -9.67
C SER B 22 3.39 -13.03 -10.36
N ALA B 23 2.24 -13.66 -10.14
CA ALA B 23 0.96 -13.11 -10.61
C ALA B 23 0.60 -11.75 -9.99
N VAL B 24 0.80 -11.59 -8.69
CA VAL B 24 0.54 -10.29 -8.05
C VAL B 24 1.42 -9.18 -8.64
N GLN B 25 2.67 -9.53 -8.87
CA GLN B 25 3.63 -8.59 -9.45
C GLN B 25 3.24 -8.14 -10.86
N GLU B 26 2.80 -9.08 -11.67
CA GLU B 26 2.36 -8.78 -13.03
C GLU B 26 1.10 -7.88 -13.03
N VAL B 27 0.16 -8.17 -12.14
CA VAL B 27 -1.10 -7.41 -12.09
C VAL B 27 -0.88 -6.00 -11.54
N THR B 28 -0.13 -5.91 -10.45
CA THR B 28 0.00 -4.68 -9.66
C THR B 28 1.31 -3.95 -9.74
N GLY B 29 2.37 -4.60 -10.24
CA GLY B 29 3.69 -3.98 -10.22
C GLY B 29 4.48 -4.22 -8.94
N LEU B 30 3.81 -4.68 -7.87
CA LEU B 30 4.46 -5.05 -6.59
C LEU B 30 4.29 -6.54 -6.22
N ASP B 31 5.23 -7.10 -5.45
CA ASP B 31 5.01 -8.41 -4.86
C ASP B 31 4.02 -8.32 -3.66
N ILE B 32 3.62 -9.47 -3.11
CA ILE B 32 2.67 -9.48 -1.95
C ILE B 32 3.15 -8.64 -0.77
N LYS B 33 4.43 -8.79 -0.47
CA LYS B 33 5.04 -8.02 0.59
C LYS B 33 4.90 -6.52 0.33
N GLY B 34 5.15 -6.09 -0.89
CA GLY B 34 4.97 -4.70 -1.26
C GLY B 34 3.55 -4.18 -1.15
N ILE B 35 2.60 -5.01 -1.54
CA ILE B 35 1.17 -4.69 -1.39
C ILE B 35 0.88 -4.46 0.09
N CYS B 36 1.43 -5.33 0.93
CA CYS B 36 1.19 -5.29 2.38
C CYS B 36 1.77 -4.04 3.02
N LYS B 37 2.98 -3.71 2.61
CA LYS B 37 3.67 -2.49 3.04
C LYS B 37 2.89 -1.25 2.64
N ALA B 38 2.38 -1.22 1.40
CA ALA B 38 1.61 -0.06 0.93
C ALA B 38 0.26 0.03 1.59
N LEU B 39 -0.34 -1.12 1.85
CA LEU B 39 -1.67 -1.17 2.48
C LEU B 39 -1.63 -0.77 3.94
N TYR B 40 -0.67 -1.30 4.69
CA TYR B 40 -0.70 -1.11 6.14
C TYR B 40 0.32 -0.10 6.64
N GLY B 41 1.25 0.28 5.75
CA GLY B 41 2.37 1.16 6.07
C GLY B 41 3.26 0.63 7.19
N THR B 42 3.47 -0.69 7.22
CA THR B 42 4.34 -1.32 8.21
C THR B 42 5.41 -2.10 7.48
N PHE B 43 6.40 -2.57 8.23
CA PHE B 43 7.47 -3.42 7.73
C PHE B 43 7.91 -4.36 8.86
N SER B 44 8.44 -5.51 8.46
CA SER B 44 8.87 -6.54 9.41
C SER B 44 10.30 -6.30 9.80
N SER B 45 10.63 -6.73 11.02
CA SER B 45 11.98 -6.68 11.59
C SER B 45 12.31 -8.01 12.25
N SER B 46 11.96 -9.11 11.58
CA SER B 46 12.24 -10.44 12.08
C SER B 46 11.51 -10.74 13.40
N GLU B 47 10.28 -10.26 13.54
CA GLU B 47 9.50 -10.55 14.76
C GLU B 47 9.37 -12.04 14.95
N LYS B 48 9.49 -12.46 16.20
CA LYS B 48 9.32 -13.85 16.51
C LYS B 48 7.83 -14.22 16.53
N VAL B 49 7.49 -15.23 15.75
CA VAL B 49 6.11 -15.65 15.55
C VAL B 49 5.97 -17.09 16.02
N GLY B 50 5.13 -17.27 17.03
CA GLY B 50 4.84 -18.58 17.55
C GLY B 50 3.54 -19.11 16.96
N ILE B 51 3.63 -20.29 16.37
CA ILE B 51 2.53 -20.94 15.67
C ILE B 51 2.08 -22.10 16.54
N VAL B 52 0.83 -22.03 16.98
CA VAL B 52 0.27 -22.97 17.95
C VAL B 52 -0.78 -23.89 17.31
N PRO B 53 -0.50 -25.21 17.18
CA PRO B 53 -1.51 -26.16 16.66
C PRO B 53 -2.69 -26.24 17.59
N VAL B 54 -3.89 -26.37 17.04
CA VAL B 54 -5.13 -26.32 17.83
C VAL B 54 -5.98 -27.55 17.46
N THR B 55 -6.37 -28.31 18.48
CA THR B 55 -7.14 -29.58 18.33
C THR B 55 -8.65 -29.40 18.34
N SER B 56 -9.08 -28.16 18.52
CA SER B 56 -10.47 -27.76 18.62
C SER B 56 -11.31 -28.17 17.41
N GLY B 57 -12.58 -28.50 17.69
CA GLY B 57 -13.53 -28.85 16.64
C GLY B 57 -13.04 -29.98 15.75
N ASN B 58 -12.91 -29.74 14.47
CA ASN B 58 -12.47 -30.80 13.55
C ASN B 58 -10.99 -31.17 13.73
N GLY B 59 -10.28 -30.38 14.52
CA GLY B 59 -8.94 -30.75 14.96
C GLY B 59 -7.81 -30.22 14.08
N ILE B 60 -6.60 -30.72 14.33
CA ILE B 60 -5.42 -30.28 13.58
C ILE B 60 -5.59 -30.68 12.13
N ILE B 61 -5.25 -29.76 11.23
CA ILE B 61 -5.31 -30.02 9.79
C ILE B 61 -3.90 -30.35 9.32
N GLY B 62 -3.77 -31.48 8.62
CA GLY B 62 -2.49 -31.90 8.08
C GLY B 62 -1.89 -30.80 7.19
N ASN B 63 -0.62 -30.58 7.34
CA ASN B 63 0.11 -29.54 6.62
C ASN B 63 -0.17 -28.08 7.12
N PHE B 64 -1.09 -27.91 8.07
CA PHE B 64 -1.46 -26.54 8.42
C PHE B 64 -0.36 -25.78 9.11
N SER B 65 0.16 -26.28 10.23
CA SER B 65 1.19 -25.54 10.96
C SER B 65 2.45 -25.40 10.12
N ALA B 66 2.75 -26.46 9.41
CA ALA B 66 3.95 -26.53 8.60
C ALA B 66 3.89 -25.51 7.48
N SER B 67 2.69 -25.28 6.92
CA SER B 67 2.50 -24.25 5.90
C SER B 67 2.65 -22.86 6.50
N LEU B 68 2.00 -22.60 7.66
CA LEU B 68 2.25 -21.34 8.32
C LEU B 68 3.71 -21.09 8.64
N HIS B 69 4.42 -22.11 9.09
CA HIS B 69 5.86 -22.06 9.36
C HIS B 69 6.60 -21.59 8.07
N ALA B 70 6.29 -22.20 6.94
CA ALA B 70 6.88 -21.82 5.64
C ALA B 70 6.49 -20.39 5.17
N ILE B 71 5.20 -20.04 5.30
CA ILE B 71 4.69 -18.72 4.86
C ILE B 71 5.35 -17.58 5.64
N THR B 72 5.37 -17.73 6.95
CA THR B 72 5.96 -16.71 7.83
C THR B 72 7.47 -16.54 7.62
N GLN B 73 8.18 -17.64 7.39
CA GLN B 73 9.60 -17.58 6.95
C GLN B 73 9.76 -16.82 5.60
N TYR B 74 8.87 -17.11 4.65
CA TYR B 74 8.86 -16.51 3.30
C TYR B 74 8.74 -15.00 3.42
N PHE B 75 7.89 -14.55 4.35
CA PHE B 75 7.65 -13.13 4.56
C PHE B 75 8.56 -12.49 5.61
N GLY B 76 9.59 -13.18 6.06
CA GLY B 76 10.64 -12.53 6.82
C GLY B 76 10.55 -12.55 8.32
N PHE B 77 9.75 -13.47 8.86
CA PHE B 77 9.58 -13.56 10.29
C PHE B 77 10.41 -14.70 10.86
N ASP B 78 10.81 -14.55 12.13
CA ASP B 78 11.49 -15.60 12.87
C ASP B 78 10.46 -16.53 13.51
N SER B 79 9.93 -17.45 12.73
CA SER B 79 8.83 -18.29 13.21
C SER B 79 9.22 -19.66 13.72
N PHE B 80 8.34 -20.18 14.56
CA PHE B 80 8.47 -21.51 15.07
C PHE B 80 7.06 -22.05 15.39
N VAL B 81 6.99 -23.38 15.39
CA VAL B 81 5.78 -24.12 15.73
C VAL B 81 6.01 -24.80 17.08
N THR B 82 5.02 -24.70 17.97
CA THR B 82 5.17 -25.36 19.26
C THR B 82 4.99 -26.87 19.15
N ASP B 83 5.64 -27.62 20.04
CA ASP B 83 5.44 -29.06 20.21
C ASP B 83 4.04 -29.40 20.73
N MET B 84 3.61 -28.67 21.75
CA MET B 84 2.28 -28.91 22.34
C MET B 84 1.23 -28.12 21.60
N PRO B 85 0.00 -28.65 21.53
CA PRO B 85 -1.13 -27.91 21.02
C PRO B 85 -1.90 -27.11 22.08
N ASP B 86 -2.86 -26.33 21.62
CA ASP B 86 -3.84 -25.71 22.52
C ASP B 86 -3.24 -24.79 23.58
N VAL B 87 -3.72 -24.86 24.84
CA VAL B 87 -3.26 -23.93 25.83
C VAL B 87 -1.82 -24.20 26.22
N SER B 88 -1.48 -25.49 26.34
CA SER B 88 -0.08 -25.88 26.59
C SER B 88 0.88 -25.36 25.51
N GLY B 89 0.42 -25.40 24.27
CA GLY B 89 1.13 -24.76 23.14
C GLY B 89 1.29 -23.24 23.22
N TYR B 90 0.21 -22.58 23.60
CA TYR B 90 0.20 -21.14 23.82
C TYR B 90 1.24 -20.76 24.89
N TYR B 91 1.23 -21.49 26.00
CA TYR B 91 2.18 -21.30 27.09
C TYR B 91 3.62 -21.44 26.54
N GLU B 92 3.84 -22.55 25.85
CA GLU B 92 5.14 -22.85 25.20
C GLU B 92 5.62 -21.69 24.29
N ALA B 93 4.72 -21.17 23.45
CA ALA B 93 5.06 -20.07 22.53
C ALA B 93 5.49 -18.82 23.29
N VAL B 94 4.73 -18.47 24.33
CA VAL B 94 5.00 -17.25 25.10
C VAL B 94 6.31 -17.40 25.85
N GLN B 95 6.49 -18.56 26.49
CA GLN B 95 7.69 -18.89 27.27
C GLN B 95 8.94 -18.83 26.37
N ASN B 96 8.75 -19.19 25.12
CA ASN B 96 9.87 -19.24 24.14
C ASN B 96 10.08 -17.92 23.36
N GLY B 97 9.38 -16.87 23.78
CA GLY B 97 9.65 -15.52 23.33
C GLY B 97 8.89 -15.09 22.11
N ALA B 98 7.79 -15.76 21.80
CA ALA B 98 6.93 -15.30 20.71
C ALA B 98 6.48 -13.85 20.93
N GLU B 99 6.57 -13.05 19.88
CA GLU B 99 6.08 -11.69 19.93
C GLU B 99 4.72 -11.61 19.29
N ILE B 100 4.48 -12.52 18.33
CA ILE B 100 3.19 -12.64 17.69
C ILE B 100 2.73 -14.08 17.79
N ILE B 101 1.47 -14.27 18.16
CA ILE B 101 0.89 -15.60 18.24
C ILE B 101 -0.05 -15.77 17.04
N LEU B 102 0.14 -16.89 16.34
CA LEU B 102 -0.67 -17.35 15.24
C LEU B 102 -1.32 -18.67 15.58
N MET B 103 -2.65 -18.70 15.53
CA MET B 103 -3.43 -19.91 15.83
C MET B 103 -4.83 -19.83 15.28
N ALA B 104 -5.44 -20.99 15.00
CA ALA B 104 -6.74 -21.03 14.39
C ALA B 104 -7.57 -22.18 14.95
N ASP B 105 -8.86 -21.93 15.25
CA ASP B 105 -9.82 -23.01 15.41
C ASP B 105 -10.73 -22.99 14.18
N ASP B 106 -11.85 -23.71 14.19
CA ASP B 106 -12.66 -23.80 12.97
C ASP B 106 -13.42 -22.51 12.63
N ARG B 107 -13.52 -21.58 13.58
CA ARG B 107 -14.27 -20.35 13.37
C ARG B 107 -13.43 -19.08 13.33
N THR B 108 -12.26 -19.09 13.96
CA THR B 108 -11.38 -17.93 13.98
C THR B 108 -9.92 -18.36 13.76
N PHE B 109 -9.26 -17.64 12.84
CA PHE B 109 -7.81 -17.72 12.65
C PHE B 109 -7.29 -16.30 12.93
N LEU B 110 -6.42 -16.19 13.93
CA LEU B 110 -5.95 -14.89 14.38
C LEU B 110 -4.44 -14.75 14.43
N ALA B 111 -4.03 -13.49 14.50
CA ALA B 111 -2.67 -13.15 14.82
C ALA B 111 -2.76 -12.12 15.92
N HIS B 112 -2.06 -12.38 17.01
CA HIS B 112 -2.04 -11.44 18.13
C HIS B 112 -0.61 -10.97 18.42
N ASN B 113 -0.40 -9.69 18.25
CA ASN B 113 0.89 -9.10 18.56
C ASN B 113 0.95 -8.69 20.00
N LEU B 114 1.78 -9.38 20.77
CA LEU B 114 1.82 -9.22 22.19
C LEU B 114 2.57 -7.94 22.55
N LYS B 115 3.40 -7.44 21.64
CA LYS B 115 4.15 -6.20 21.91
C LYS B 115 3.30 -4.94 21.85
N ASN B 116 2.35 -4.87 20.95
CA ASN B 116 1.57 -3.64 20.81
C ASN B 116 0.07 -3.85 21.00
N GLY B 117 -0.37 -5.07 21.21
CA GLY B 117 -1.76 -5.32 21.54
C GLY B 117 -2.65 -5.51 20.31
N LYS B 118 -2.09 -5.37 19.10
CA LYS B 118 -2.95 -5.47 17.91
C LYS B 118 -3.27 -6.93 17.63
N MET B 119 -4.47 -7.17 17.12
CA MET B 119 -4.91 -8.52 16.82
C MET B 119 -5.70 -8.47 15.54
N ALA B 120 -5.44 -9.43 14.64
CA ALA B 120 -6.11 -9.50 13.37
C ALA B 120 -6.97 -10.75 13.30
N ASN B 121 -8.06 -10.65 12.56
CA ASN B 121 -8.91 -11.80 12.20
C ASN B 121 -8.67 -12.09 10.71
N ASN B 122 -8.33 -13.33 10.40
CA ASN B 122 -8.04 -13.78 9.00
C ASN B 122 -9.10 -13.35 7.97
N GLN B 123 -10.37 -13.43 8.34
CA GLN B 123 -11.48 -13.23 7.38
C GLN B 123 -11.47 -11.84 6.75
N PRO B 124 -11.59 -10.76 7.55
CA PRO B 124 -11.39 -9.43 6.98
C PRO B 124 -9.99 -9.18 6.35
N CYS B 125 -8.91 -9.66 6.96
CA CYS B 125 -7.57 -9.44 6.38
C CYS B 125 -7.47 -10.06 5.00
N THR B 126 -8.10 -11.23 4.85
CA THR B 126 -8.09 -11.94 3.57
C THR B 126 -8.96 -11.21 2.56
N GLY B 127 -10.18 -10.89 2.92
CA GLY B 127 -11.01 -10.13 1.99
C GLY B 127 -10.35 -8.81 1.57
N ILE B 128 -9.81 -8.08 2.53
CA ILE B 128 -9.22 -6.76 2.24
C ILE B 128 -8.00 -6.91 1.30
N ILE B 129 -7.07 -7.79 1.61
CA ILE B 129 -5.88 -7.88 0.73
C ILE B 129 -6.23 -8.36 -0.67
N TYR B 130 -7.12 -9.34 -0.81
CA TYR B 130 -7.46 -9.83 -2.14
C TYR B 130 -8.20 -8.77 -2.97
N ALA B 131 -9.01 -7.95 -2.27
CA ALA B 131 -9.68 -6.79 -2.87
C ALA B 131 -8.68 -5.71 -3.26
N GLU B 132 -7.69 -5.49 -2.41
CA GLU B 132 -6.67 -4.49 -2.65
C GLU B 132 -5.84 -4.86 -3.89
N ILE B 133 -5.47 -6.13 -3.99
CA ILE B 133 -4.76 -6.64 -5.17
C ILE B 133 -5.59 -6.35 -6.42
N ALA B 134 -6.86 -6.74 -6.43
CA ALA B 134 -7.73 -6.48 -7.58
C ALA B 134 -7.79 -5.01 -7.96
N SER B 135 -7.89 -4.16 -6.95
CA SER B 135 -8.06 -2.72 -7.16
C SER B 135 -6.81 -2.08 -7.74
N ARG B 136 -5.68 -2.76 -7.59
CA ARG B 136 -4.40 -2.23 -8.05
C ARG B 136 -3.98 -2.80 -9.37
N TYR B 137 -4.89 -3.46 -10.07
CA TYR B 137 -4.62 -3.91 -11.43
C TYR B 137 -4.30 -2.73 -12.31
N LEU B 138 -3.04 -2.59 -12.69
CA LEU B 138 -2.58 -1.41 -13.41
C LEU B 138 -3.28 -1.19 -14.75
N LYS B 139 -3.48 -2.24 -15.54
CA LYS B 139 -4.08 -2.10 -16.88
C LYS B 139 -5.61 -2.11 -16.89
N ALA B 140 -6.23 -2.02 -15.72
CA ALA B 140 -7.69 -2.16 -15.61
C ALA B 140 -8.51 -1.24 -16.52
N ASP B 141 -8.24 0.07 -16.47
CA ASP B 141 -8.96 1.03 -17.30
C ASP B 141 -10.48 1.06 -17.06
N SER B 142 -10.87 0.86 -15.81
CA SER B 142 -12.26 0.87 -15.40
C SER B 142 -12.29 0.85 -13.88
N LYS B 143 -13.21 1.59 -13.28
CA LYS B 143 -13.42 1.52 -11.84
C LYS B 143 -14.57 0.56 -11.50
N ASP B 144 -15.03 -0.22 -12.47
CA ASP B 144 -16.07 -1.22 -12.24
C ASP B 144 -15.43 -2.48 -11.68
N VAL B 145 -15.97 -3.00 -10.60
CA VAL B 145 -15.49 -4.27 -10.08
C VAL B 145 -16.67 -5.16 -9.73
N LEU B 146 -16.56 -6.43 -10.07
CA LEU B 146 -17.58 -7.43 -9.72
C LEU B 146 -17.16 -8.19 -8.47
N VAL B 147 -18.07 -8.28 -7.49
CA VAL B 147 -17.84 -9.07 -6.29
C VAL B 147 -18.87 -10.19 -6.13
N VAL B 148 -18.38 -11.42 -6.06
CA VAL B 148 -19.19 -12.63 -5.97
C VAL B 148 -18.89 -13.31 -4.62
N GLY B 149 -19.89 -13.36 -3.77
CA GLY B 149 -19.72 -13.79 -2.37
C GLY B 149 -19.53 -12.59 -1.47
N LEU B 150 -20.51 -12.36 -0.60
CA LEU B 150 -20.45 -11.25 0.32
C LEU B 150 -20.55 -11.78 1.76
N GLY B 151 -19.83 -12.86 2.04
CA GLY B 151 -19.75 -13.45 3.36
C GLY B 151 -18.68 -12.83 4.24
N LYS B 152 -18.15 -13.62 5.17
CA LYS B 152 -17.15 -13.12 6.11
C LYS B 152 -15.87 -12.60 5.43
N VAL B 153 -15.54 -13.15 4.26
CA VAL B 153 -14.35 -12.70 3.50
C VAL B 153 -14.76 -11.64 2.47
N GLY B 154 -15.82 -11.95 1.72
CA GLY B 154 -16.34 -11.06 0.69
C GLY B 154 -16.82 -9.68 1.13
N PHE B 155 -17.55 -9.61 2.23
CA PHE B 155 -18.13 -8.34 2.64
C PHE B 155 -17.05 -7.27 2.98
N PRO B 156 -16.05 -7.62 3.82
CA PRO B 156 -14.97 -6.65 4.08
C PRO B 156 -14.13 -6.28 2.82
N GLY B 157 -14.02 -7.20 1.88
CA GLY B 157 -13.40 -6.93 0.58
C GLY B 157 -14.18 -5.91 -0.24
N ALA B 158 -15.48 -6.14 -0.36
CA ALA B 158 -16.39 -5.19 -1.05
C ALA B 158 -16.36 -3.83 -0.36
N GLU B 159 -16.37 -3.81 0.97
CA GLU B 159 -16.30 -2.58 1.75
C GLU B 159 -15.04 -1.77 1.37
N HIS B 160 -13.93 -2.48 1.28
CA HIS B 160 -12.65 -1.88 1.01
C HIS B 160 -12.70 -1.26 -0.39
N LEU B 161 -13.30 -1.98 -1.34
CA LEU B 161 -13.44 -1.46 -2.72
C LEU B 161 -14.35 -0.22 -2.77
N VAL B 162 -15.41 -0.23 -1.97
CA VAL B 162 -16.32 0.93 -1.92
C VAL B 162 -15.54 2.13 -1.37
N GLN B 163 -14.72 1.92 -0.34
CA GLN B 163 -13.96 2.99 0.28
C GLN B 163 -12.90 3.56 -0.66
N LYS B 164 -12.45 2.75 -1.61
CA LYS B 164 -11.49 3.19 -2.60
C LYS B 164 -12.17 3.80 -3.84
N ASP B 165 -13.46 4.13 -3.74
CA ASP B 165 -14.19 4.80 -4.82
C ASP B 165 -14.37 3.98 -6.10
N PHE B 166 -14.43 2.66 -5.98
CA PHE B 166 -14.72 1.81 -7.14
C PHE B 166 -16.24 1.70 -7.29
N ARG B 167 -16.70 1.46 -8.51
CA ARG B 167 -18.11 1.20 -8.75
C ARG B 167 -18.37 -0.28 -8.55
N VAL B 168 -18.81 -0.65 -7.35
CA VAL B 168 -18.87 -2.05 -6.93
C VAL B 168 -20.20 -2.70 -7.26
N TYR B 169 -20.14 -3.74 -8.08
CA TYR B 169 -21.29 -4.59 -8.40
C TYR B 169 -21.17 -5.88 -7.61
N GLY B 170 -22.23 -6.27 -6.92
CA GLY B 170 -22.16 -7.42 -6.02
C GLY B 170 -23.22 -8.48 -6.27
N TYR B 171 -22.84 -9.75 -6.11
CA TYR B 171 -23.77 -10.87 -6.10
C TYR B 171 -23.47 -11.90 -5.00
N ASP B 172 -24.52 -12.39 -4.36
CA ASP B 172 -24.42 -13.53 -3.47
C ASP B 172 -25.69 -14.33 -3.66
N ALA B 173 -25.57 -15.66 -3.60
CA ALA B 173 -26.72 -16.56 -3.74
C ALA B 173 -27.73 -16.46 -2.58
N ASP B 174 -27.28 -15.98 -1.42
CA ASP B 174 -28.14 -15.69 -0.29
C ASP B 174 -28.71 -14.27 -0.42
N GLU B 175 -30.00 -14.18 -0.73
CA GLU B 175 -30.66 -12.90 -1.03
C GLU B 175 -30.64 -11.95 0.15
N THR B 176 -30.63 -12.51 1.36
CA THR B 176 -30.53 -11.75 2.60
C THR B 176 -29.22 -11.00 2.67
N LEU B 177 -28.11 -11.72 2.47
CA LEU B 177 -26.77 -11.13 2.39
C LEU B 177 -26.72 -10.03 1.33
N LEU B 178 -27.19 -10.34 0.13
CA LEU B 178 -27.07 -9.42 -0.98
C LEU B 178 -27.78 -8.11 -0.62
N GLU B 179 -28.99 -8.25 -0.10
CA GLU B 179 -29.75 -7.09 0.34
C GLU B 179 -29.03 -6.30 1.43
N ARG B 180 -28.48 -7.01 2.42
CA ARG B 180 -27.70 -6.35 3.48
C ARG B 180 -26.54 -5.54 2.92
N ALA B 181 -25.74 -6.18 2.06
CA ALA B 181 -24.59 -5.51 1.47
C ALA B 181 -25.01 -4.25 0.72
N THR B 182 -26.06 -4.38 -0.10
CA THR B 182 -26.54 -3.25 -0.89
C THR B 182 -26.95 -2.07 -0.01
N SER B 183 -27.65 -2.37 1.09
CA SER B 183 -28.08 -1.35 2.05
C SER B 183 -26.90 -0.78 2.84
N ASN B 184 -26.06 -1.66 3.39
CA ASN B 184 -24.94 -1.25 4.25
C ASN B 184 -23.85 -0.50 3.49
N LEU B 185 -23.56 -0.96 2.27
CA LEU B 185 -22.43 -0.46 1.49
C LEU B 185 -22.82 0.44 0.31
N GLY B 186 -24.04 0.31 -0.18
CA GLY B 186 -24.46 1.04 -1.36
C GLY B 186 -23.98 0.44 -2.67
N ILE B 187 -23.58 -0.83 -2.64
CA ILE B 187 -23.15 -1.51 -3.85
C ILE B 187 -24.33 -1.77 -4.78
N ILE B 188 -24.05 -1.94 -6.07
CA ILE B 188 -25.09 -2.23 -7.07
C ILE B 188 -25.33 -3.74 -7.14
N PRO B 189 -26.57 -4.19 -6.90
CA PRO B 189 -26.83 -5.63 -7.07
C PRO B 189 -26.61 -6.07 -8.51
N PHE B 190 -25.88 -7.16 -8.69
CA PHE B 190 -25.58 -7.67 -10.03
C PHE B 190 -26.54 -8.78 -10.38
N ASP B 191 -27.02 -8.75 -11.62
CA ASP B 191 -27.96 -9.72 -12.11
C ASP B 191 -27.21 -10.66 -13.02
N PRO B 192 -27.13 -11.95 -12.66
CA PRO B 192 -26.54 -12.93 -13.57
C PRO B 192 -27.34 -13.10 -14.88
N ALA B 193 -28.63 -12.75 -14.86
CA ALA B 193 -29.46 -12.77 -16.08
C ALA B 193 -29.11 -11.64 -17.05
N ASN B 194 -28.79 -10.46 -16.51
CA ASN B 194 -28.34 -9.30 -17.29
C ASN B 194 -26.86 -9.03 -17.05
N PRO B 195 -25.98 -9.80 -17.72
CA PRO B 195 -24.56 -9.65 -17.45
C PRO B 195 -23.96 -8.36 -18.00
N LYS B 196 -22.68 -8.21 -17.73
CA LYS B 196 -21.87 -7.10 -18.20
C LYS B 196 -20.44 -7.60 -18.05
N LYS B 197 -19.53 -7.14 -18.88
CA LYS B 197 -18.15 -7.61 -18.76
C LYS B 197 -17.36 -6.76 -17.78
N PHE B 198 -16.44 -7.41 -17.07
CA PHE B 198 -15.58 -6.74 -16.11
C PHE B 198 -14.13 -7.07 -16.42
N SER B 199 -13.22 -6.14 -16.12
CA SER B 199 -11.80 -6.39 -16.14
C SER B 199 -11.30 -6.75 -14.72
N ILE B 200 -12.13 -6.48 -13.71
CA ILE B 200 -11.74 -6.71 -12.31
C ILE B 200 -12.84 -7.49 -11.59
N ILE B 201 -12.48 -8.67 -11.09
CA ILE B 201 -13.42 -9.56 -10.38
C ILE B 201 -12.82 -10.03 -9.05
N PHE B 202 -13.59 -9.93 -7.98
CA PHE B 202 -13.13 -10.42 -6.67
C PHE B 202 -14.15 -11.51 -6.29
N GLU B 203 -13.69 -12.74 -6.03
CA GLU B 203 -14.61 -13.84 -5.67
C GLU B 203 -14.22 -14.45 -4.34
N ALA B 204 -15.22 -14.73 -3.51
CA ALA B 204 -14.95 -15.36 -2.21
C ALA B 204 -16.10 -16.27 -1.77
N THR B 205 -16.22 -17.39 -2.46
CA THR B 205 -17.22 -18.41 -2.13
C THR B 205 -16.49 -19.73 -2.00
N PRO B 206 -17.14 -20.74 -1.41
CA PRO B 206 -16.59 -22.08 -1.38
C PRO B 206 -17.04 -22.97 -2.54
N CYS B 207 -17.41 -22.39 -3.67
CA CYS B 207 -17.99 -23.16 -4.78
C CYS B 207 -17.28 -22.97 -6.09
N ALA B 208 -17.25 -24.05 -6.88
CA ALA B 208 -16.79 -24.05 -8.25
C ALA B 208 -17.76 -23.33 -9.19
N ASN B 209 -17.21 -22.77 -10.26
CA ASN B 209 -17.97 -22.20 -11.40
C ASN B 209 -18.99 -21.12 -11.06
N THR B 210 -18.58 -20.16 -10.23
CA THR B 210 -19.46 -19.09 -9.78
C THR B 210 -19.37 -17.85 -10.66
N ILE B 211 -18.35 -17.80 -11.52
CA ILE B 211 -18.14 -16.66 -12.41
C ILE B 211 -18.61 -17.06 -13.82
N PRO B 212 -19.71 -16.46 -14.31
CA PRO B 212 -20.21 -16.83 -15.63
C PRO B 212 -19.34 -16.29 -16.77
N GLU B 213 -19.21 -17.08 -17.84
CA GLU B 213 -18.46 -16.69 -19.01
C GLU B 213 -18.79 -15.29 -19.49
N ALA B 214 -20.07 -14.91 -19.44
CA ALA B 214 -20.53 -13.62 -19.99
C ALA B 214 -19.97 -12.39 -19.26
N VAL B 215 -19.37 -12.62 -18.09
CA VAL B 215 -18.86 -11.55 -17.24
C VAL B 215 -17.37 -11.30 -17.51
N LEU B 216 -16.73 -12.25 -18.18
CA LEU B 216 -15.27 -12.23 -18.35
C LEU B 216 -14.82 -11.42 -19.55
N SER B 217 -13.74 -10.65 -19.39
CA SER B 217 -13.08 -10.07 -20.56
C SER B 217 -11.66 -10.60 -20.63
N GLU B 218 -11.00 -10.37 -21.76
CA GLU B 218 -9.63 -10.84 -22.00
C GLU B 218 -8.68 -10.19 -21.01
N ASN B 219 -7.77 -10.99 -20.43
CA ASN B 219 -6.80 -10.52 -19.43
C ASN B 219 -7.42 -9.93 -18.16
N CYS B 220 -8.68 -10.21 -17.89
CA CYS B 220 -9.27 -9.67 -16.68
C CYS B 220 -8.56 -10.27 -15.48
N VAL B 221 -8.53 -9.54 -14.38
CA VAL B 221 -8.00 -10.06 -13.11
C VAL B 221 -9.15 -10.72 -12.34
N LEU B 222 -8.89 -11.95 -11.87
CA LEU B 222 -9.75 -12.66 -10.93
C LEU B 222 -8.93 -12.94 -9.68
N SER B 223 -9.28 -12.21 -8.63
CA SER B 223 -8.59 -12.26 -7.35
C SER B 223 -9.56 -12.97 -6.43
N THR B 224 -9.18 -14.17 -5.99
CA THR B 224 -10.11 -15.03 -5.30
C THR B 224 -9.41 -15.92 -4.28
N PRO B 225 -9.72 -15.70 -2.98
CA PRO B 225 -9.29 -16.66 -1.97
C PRO B 225 -10.20 -17.89 -1.92
N GLY B 226 -11.32 -17.84 -2.63
CA GLY B 226 -12.28 -18.93 -2.61
C GLY B 226 -11.67 -20.25 -3.03
N ILE B 227 -12.15 -21.32 -2.43
CA ILE B 227 -11.66 -22.66 -2.70
C ILE B 227 -12.87 -23.58 -2.88
N PRO B 228 -12.92 -24.37 -3.97
CA PRO B 228 -11.99 -24.46 -5.10
C PRO B 228 -12.16 -23.30 -6.08
N CYS B 229 -11.47 -23.35 -7.22
CA CYS B 229 -11.45 -22.23 -8.13
C CYS B 229 -12.84 -21.84 -8.63
N ALA B 230 -13.06 -20.52 -8.68
CA ALA B 230 -14.29 -19.93 -9.18
C ALA B 230 -14.48 -20.11 -10.69
N ILE B 231 -13.40 -20.42 -11.42
CA ILE B 231 -13.52 -20.75 -12.86
C ILE B 231 -12.74 -22.01 -13.25
N SER B 232 -13.21 -22.64 -14.32
CA SER B 232 -12.54 -23.81 -14.88
C SER B 232 -11.24 -23.41 -15.55
N GLU B 233 -10.33 -24.38 -15.66
CA GLU B 233 -9.10 -24.21 -16.43
C GLU B 233 -9.42 -23.68 -17.84
N GLU B 234 -10.46 -24.25 -18.44
CA GLU B 234 -10.86 -23.91 -19.80
C GLU B 234 -11.24 -22.45 -19.95
N LEU B 235 -12.11 -21.96 -19.07
CA LEU B 235 -12.50 -20.54 -19.09
C LEU B 235 -11.31 -19.63 -18.79
N ARG B 236 -10.42 -20.09 -17.91
CA ARG B 236 -9.25 -19.31 -17.55
C ARG B 236 -8.29 -19.15 -18.74
N ASP B 237 -8.00 -20.28 -19.38
CA ASP B 237 -7.16 -20.32 -20.58
C ASP B 237 -7.79 -19.54 -21.72
N LYS B 238 -9.09 -19.75 -21.93
CA LYS B 238 -9.83 -19.06 -23.01
C LYS B 238 -9.74 -17.55 -22.94
N TYR B 239 -9.80 -16.97 -21.74
CA TYR B 239 -9.80 -15.52 -21.60
C TYR B 239 -8.47 -14.98 -21.09
N GLU B 240 -7.46 -15.84 -21.03
CA GLU B 240 -6.15 -15.50 -20.47
C GLU B 240 -6.30 -14.75 -19.14
N VAL B 241 -7.09 -15.33 -18.27
CA VAL B 241 -7.41 -14.70 -17.00
C VAL B 241 -6.17 -14.59 -16.13
N GLN B 242 -5.98 -13.44 -15.55
CA GLN B 242 -4.92 -13.21 -14.60
C GLN B 242 -5.44 -13.59 -13.21
N LEU B 243 -5.17 -14.83 -12.82
CA LEU B 243 -5.74 -15.46 -11.64
C LEU B 243 -4.81 -15.24 -10.44
N ILE B 244 -5.33 -14.64 -9.37
CA ILE B 244 -4.62 -14.56 -8.09
C ILE B 244 -5.40 -15.43 -7.11
N ALA B 245 -4.84 -16.60 -6.77
CA ALA B 245 -5.53 -17.58 -5.91
C ALA B 245 -4.48 -18.40 -5.18
N GLU B 246 -4.59 -18.46 -3.87
CA GLU B 246 -3.60 -19.12 -3.11
C GLU B 246 -4.31 -19.46 -1.80
N PRO B 247 -4.00 -20.60 -1.17
CA PRO B 247 -4.90 -21.09 -0.09
C PRO B 247 -4.73 -20.55 1.31
N LEU B 248 -3.68 -19.79 1.59
CA LEU B 248 -3.40 -19.46 2.99
C LEU B 248 -2.41 -18.32 3.16
N GLY B 249 -1.39 -18.27 2.31
CA GLY B 249 -0.31 -17.34 2.50
C GLY B 249 -0.56 -15.85 2.31
N ILE B 250 -1.31 -15.49 1.29
CA ILE B 250 -1.66 -14.05 1.11
C ILE B 250 -2.45 -13.50 2.33
N GLY B 251 -3.48 -14.22 2.77
CA GLY B 251 -4.26 -13.78 3.93
C GLY B 251 -3.44 -13.72 5.22
N THR B 252 -2.53 -14.68 5.39
CA THR B 252 -1.60 -14.69 6.51
C THR B 252 -0.67 -13.47 6.50
N ALA B 253 -0.06 -13.15 5.35
CA ALA B 253 0.74 -11.92 5.24
C ALA B 253 -0.06 -10.68 5.62
N SER B 254 -1.32 -10.62 5.19
CA SER B 254 -2.18 -9.48 5.44
C SER B 254 -2.40 -9.38 6.95
N MET B 255 -2.67 -10.50 7.58
CA MET B 255 -2.84 -10.52 9.06
C MET B 255 -1.58 -9.99 9.76
N LEU B 256 -0.42 -10.52 9.38
CA LEU B 256 0.82 -10.20 10.06
C LEU B 256 1.20 -8.74 9.88
N TYR B 257 1.14 -8.22 8.66
CA TYR B 257 1.41 -6.81 8.41
C TYR B 257 0.40 -5.88 9.07
N SER B 258 -0.83 -6.36 9.23
CA SER B 258 -1.87 -5.52 9.82
C SER B 258 -1.59 -5.28 11.33
N VAL B 259 -0.81 -6.15 11.97
CA VAL B 259 -0.56 -6.05 13.41
C VAL B 259 0.81 -5.52 13.81
N LEU B 260 1.64 -5.24 12.80
CA LEU B 260 2.96 -4.74 13.07
C LEU B 260 2.93 -3.31 13.65
N SER C 1 -12.88 -29.27 3.84
CA SER C 1 -14.27 -28.81 4.16
C SER C 1 -15.18 -30.00 4.43
N MET C 2 -16.29 -29.73 5.08
CA MET C 2 -17.24 -30.78 5.45
C MET C 2 -18.65 -30.25 5.29
N ALA C 3 -19.43 -30.96 4.49
CA ALA C 3 -20.85 -30.73 4.40
C ALA C 3 -21.52 -31.46 5.58
N LEU C 4 -22.05 -30.66 6.51
CA LEU C 4 -22.67 -31.15 7.72
C LEU C 4 -23.91 -30.32 8.01
N LEU C 5 -24.97 -30.98 8.48
CA LEU C 5 -26.16 -30.28 8.94
C LEU C 5 -25.82 -29.31 10.08
N THR C 6 -26.49 -28.17 10.09
CA THR C 6 -26.47 -27.25 11.22
C THR C 6 -27.83 -27.35 11.89
N PRO C 7 -27.96 -26.83 13.13
CA PRO C 7 -29.27 -26.85 13.79
C PRO C 7 -30.37 -26.14 12.99
N ASP C 8 -29.98 -25.13 12.22
CA ASP C 8 -30.92 -24.33 11.44
C ASP C 8 -31.54 -25.11 10.27
N ASP C 9 -30.80 -26.06 9.70
CA ASP C 9 -31.35 -26.96 8.67
C ASP C 9 -32.53 -27.80 9.19
N LEU C 10 -32.52 -28.04 10.50
CA LEU C 10 -33.41 -29.00 11.15
C LEU C 10 -34.53 -28.38 12.00
N ILE C 11 -34.80 -27.09 11.80
CA ILE C 11 -35.89 -26.43 12.54
C ILE C 11 -37.25 -26.98 12.11
N ASN C 12 -38.10 -27.30 13.08
CA ASN C 12 -39.40 -27.94 12.87
C ASN C 12 -39.34 -29.06 11.83
N ILE C 13 -38.51 -30.07 12.10
CA ILE C 13 -38.29 -31.17 11.15
C ILE C 13 -39.61 -31.87 10.79
N ASN C 14 -40.59 -31.86 11.69
CA ASN C 14 -41.91 -32.46 11.42
C ASN C 14 -42.62 -31.85 10.21
N MET C 15 -42.78 -30.53 10.22
CA MET C 15 -43.37 -29.81 9.09
C MET C 15 -42.60 -30.08 7.82
N GLN C 16 -41.27 -30.00 7.90
CA GLN C 16 -40.42 -30.23 6.74
C GLN C 16 -40.70 -31.62 6.12
N LEU C 17 -40.77 -32.63 6.97
CA LEU C 17 -40.99 -34.00 6.52
C LEU C 17 -42.43 -34.16 5.99
N GLN C 18 -43.37 -33.45 6.61
CA GLN C 18 -44.76 -33.46 6.17
C GLN C 18 -44.87 -32.93 4.74
N LYS C 19 -44.21 -31.80 4.47
CA LYS C 19 -44.19 -31.19 3.14
C LYS C 19 -43.53 -32.08 2.10
N ALA C 20 -42.39 -32.66 2.47
CA ALA C 20 -41.67 -33.52 1.55
C ALA C 20 -42.52 -34.73 1.21
N ASP C 21 -43.21 -35.29 2.20
CA ASP C 21 -44.03 -36.49 1.98
C ASP C 21 -45.16 -36.17 0.99
N SER C 22 -45.83 -35.04 1.20
CA SER C 22 -46.89 -34.59 0.30
C SER C 22 -46.36 -34.33 -1.13
N ALA C 23 -45.18 -33.71 -1.22
CA ALA C 23 -44.55 -33.44 -2.52
C ALA C 23 -44.19 -34.73 -3.25
N VAL C 24 -43.69 -35.71 -2.50
CA VAL C 24 -43.31 -37.01 -3.05
C VAL C 24 -44.54 -37.75 -3.59
N GLN C 25 -45.66 -37.67 -2.84
CA GLN C 25 -46.95 -38.25 -3.28
C GLN C 25 -47.45 -37.63 -4.57
N GLU C 26 -47.37 -36.29 -4.65
CA GLU C 26 -47.79 -35.57 -5.85
C GLU C 26 -46.97 -35.99 -7.05
N VAL C 27 -45.67 -36.17 -6.85
CA VAL C 27 -44.75 -36.44 -7.95
C VAL C 27 -44.79 -37.90 -8.39
N THR C 28 -44.89 -38.83 -7.45
CA THR C 28 -44.75 -40.25 -7.76
C THR C 28 -46.04 -41.05 -7.62
N GLY C 29 -47.00 -40.53 -6.85
CA GLY C 29 -48.19 -41.30 -6.47
C GLY C 29 -47.99 -42.11 -5.20
N LEU C 30 -46.75 -42.23 -4.75
CA LEU C 30 -46.45 -42.95 -3.51
C LEU C 30 -45.97 -41.96 -2.47
N ASP C 31 -46.25 -42.23 -1.20
CA ASP C 31 -45.65 -41.47 -0.10
C ASP C 31 -44.26 -42.02 0.17
N ILE C 32 -43.51 -41.40 1.08
CA ILE C 32 -42.14 -41.83 1.32
C ILE C 32 -42.12 -43.31 1.73
N LYS C 33 -43.03 -43.71 2.61
CA LYS C 33 -43.18 -45.13 2.97
C LYS C 33 -43.33 -45.99 1.72
N GLY C 34 -44.22 -45.56 0.83
CA GLY C 34 -44.48 -46.25 -0.44
C GLY C 34 -43.22 -46.45 -1.27
N ILE C 35 -42.42 -45.40 -1.39
CA ILE C 35 -41.17 -45.44 -2.13
C ILE C 35 -40.20 -46.45 -1.52
N CYS C 36 -40.12 -46.46 -0.20
CA CYS C 36 -39.26 -47.40 0.52
C CYS C 36 -39.69 -48.86 0.31
N LYS C 37 -41.00 -49.12 0.22
CA LYS C 37 -41.52 -50.46 -0.05
C LYS C 37 -41.10 -50.93 -1.42
N ALA C 38 -41.26 -50.05 -2.40
CA ALA C 38 -40.93 -50.37 -3.77
C ALA C 38 -39.44 -50.65 -3.94
N LEU C 39 -38.61 -49.88 -3.23
CA LEU C 39 -37.16 -50.09 -3.27
C LEU C 39 -36.69 -51.36 -2.56
N TYR C 40 -37.26 -51.67 -1.40
CA TYR C 40 -36.74 -52.74 -0.52
C TYR C 40 -37.73 -53.87 -0.18
N GLY C 41 -39.02 -53.64 -0.42
CA GLY C 41 -40.06 -54.65 -0.13
C GLY C 41 -40.35 -54.88 1.34
N THR C 42 -40.02 -53.90 2.18
CA THR C 42 -40.15 -54.04 3.64
C THR C 42 -41.20 -53.07 4.20
N PHE C 43 -41.57 -53.28 5.47
CA PHE C 43 -42.51 -52.43 6.19
C PHE C 43 -42.14 -52.39 7.68
N SER C 44 -42.46 -51.28 8.35
CA SER C 44 -42.05 -51.12 9.75
C SER C 44 -43.00 -51.82 10.71
N SER C 45 -42.44 -52.60 11.62
CA SER C 45 -43.21 -53.30 12.63
C SER C 45 -42.90 -52.74 14.02
N SER C 46 -42.92 -51.41 14.12
CA SER C 46 -42.63 -50.70 15.37
C SER C 46 -41.30 -51.12 15.99
N GLU C 47 -40.31 -51.41 15.15
CA GLU C 47 -38.98 -51.81 15.64
C GLU C 47 -38.45 -50.75 16.59
N LYS C 48 -37.65 -51.18 17.55
CA LYS C 48 -37.13 -50.27 18.56
C LYS C 48 -35.79 -49.71 18.11
N VAL C 49 -35.73 -48.40 17.92
CA VAL C 49 -34.56 -47.75 17.32
C VAL C 49 -33.80 -46.91 18.34
N GLY C 50 -32.54 -47.26 18.56
CA GLY C 50 -31.67 -46.56 19.49
C GLY C 50 -30.83 -45.52 18.77
N ILE C 51 -31.03 -44.25 19.11
CA ILE C 51 -30.28 -43.14 18.52
C ILE C 51 -29.18 -42.75 19.49
N VAL C 52 -27.93 -42.84 19.04
CA VAL C 52 -26.77 -42.58 19.90
C VAL C 52 -26.06 -41.32 19.41
N PRO C 53 -26.04 -40.25 20.23
CA PRO C 53 -25.25 -39.06 19.87
C PRO C 53 -23.78 -39.38 19.88
N VAL C 54 -23.03 -38.78 18.95
CA VAL C 54 -21.61 -39.04 18.78
C VAL C 54 -20.83 -37.72 18.87
N THR C 55 -19.82 -37.67 19.74
CA THR C 55 -19.00 -36.46 19.95
C THR C 55 -17.76 -36.41 19.03
N SER C 56 -17.55 -37.47 18.25
CA SER C 56 -16.43 -37.58 17.33
C SER C 56 -16.32 -36.41 16.34
N GLY C 57 -15.11 -35.90 16.16
CA GLY C 57 -14.84 -34.86 15.17
C GLY C 57 -15.46 -33.54 15.58
N ASN C 58 -16.27 -32.97 14.69
CA ASN C 58 -16.93 -31.70 14.96
C ASN C 58 -18.00 -31.76 16.04
N GLY C 59 -18.39 -32.99 16.40
CA GLY C 59 -19.13 -33.25 17.62
C GLY C 59 -20.62 -33.37 17.42
N ILE C 60 -21.35 -33.26 18.53
CA ILE C 60 -22.80 -33.35 18.53
C ILE C 60 -23.36 -32.12 17.81
N ILE C 61 -24.34 -32.37 16.95
CA ILE C 61 -24.98 -31.32 16.17
C ILE C 61 -26.35 -31.02 16.78
N GLY C 62 -26.58 -29.75 17.11
CA GLY C 62 -27.84 -29.33 17.69
C GLY C 62 -29.01 -29.81 16.86
N ASN C 63 -29.98 -30.42 17.53
CA ASN C 63 -31.17 -30.94 16.91
C ASN C 63 -30.99 -32.21 16.07
N PHE C 64 -29.79 -32.74 15.95
CA PHE C 64 -29.59 -33.89 15.08
C PHE C 64 -30.34 -35.10 15.63
N SER C 65 -30.05 -35.48 16.87
CA SER C 65 -30.65 -36.68 17.46
C SER C 65 -32.14 -36.49 17.77
N ALA C 66 -32.56 -35.28 18.16
CA ALA C 66 -33.98 -34.99 18.37
C ALA C 66 -34.78 -35.08 17.07
N SER C 67 -34.15 -34.70 15.96
CA SER C 67 -34.76 -34.81 14.63
C SER C 67 -34.85 -36.25 14.17
N LEU C 68 -33.78 -37.01 14.43
CA LEU C 68 -33.83 -38.45 14.21
C LEU C 68 -34.96 -39.10 15.03
N HIS C 69 -35.11 -38.65 16.27
CA HIS C 69 -36.19 -39.12 17.11
C HIS C 69 -37.52 -38.86 16.42
N ALA C 70 -37.74 -37.62 16.03
CA ALA C 70 -38.98 -37.21 15.37
C ALA C 70 -39.22 -37.94 14.05
N ILE C 71 -38.19 -38.06 13.23
CA ILE C 71 -38.27 -38.75 11.93
C ILE C 71 -38.67 -40.22 12.08
N THR C 72 -38.05 -40.90 13.05
CA THR C 72 -38.31 -42.31 13.28
C THR C 72 -39.71 -42.53 13.84
N GLN C 73 -40.14 -41.66 14.76
CA GLN C 73 -41.52 -41.69 15.27
C GLN C 73 -42.51 -41.50 14.14
N TYR C 74 -42.21 -40.56 13.25
CA TYR C 74 -43.04 -40.27 12.08
C TYR C 74 -43.29 -41.50 11.23
N PHE C 75 -42.24 -42.30 10.99
CA PHE C 75 -42.37 -43.50 10.17
C PHE C 75 -42.79 -44.76 10.94
N GLY C 76 -43.23 -44.57 12.18
CA GLY C 76 -43.84 -45.66 12.95
C GLY C 76 -42.90 -46.51 13.78
N PHE C 77 -41.68 -46.02 14.00
CA PHE C 77 -40.70 -46.76 14.80
C PHE C 77 -40.77 -46.36 16.27
N ASP C 78 -40.49 -47.32 17.15
CA ASP C 78 -40.41 -47.07 18.60
C ASP C 78 -38.99 -46.64 18.94
N SER C 79 -38.72 -45.34 18.82
CA SER C 79 -37.36 -44.86 18.93
C SER C 79 -37.07 -44.16 20.25
N PHE C 80 -35.80 -44.13 20.61
CA PHE C 80 -35.36 -43.32 21.76
C PHE C 80 -33.98 -42.75 21.50
N VAL C 81 -33.62 -41.76 22.30
CA VAL C 81 -32.27 -41.19 22.29
C VAL C 81 -31.56 -41.58 23.60
N THR C 82 -30.32 -42.06 23.51
CA THR C 82 -29.58 -42.41 24.70
C THR C 82 -29.08 -41.12 25.36
N ASP C 83 -29.02 -41.11 26.69
CA ASP C 83 -28.50 -39.96 27.44
C ASP C 83 -27.00 -39.78 27.20
N MET C 84 -26.25 -40.88 27.28
CA MET C 84 -24.81 -40.88 27.06
C MET C 84 -24.46 -40.94 25.57
N PRO C 85 -23.34 -40.32 25.18
CA PRO C 85 -22.88 -40.42 23.81
C PRO C 85 -21.84 -41.52 23.60
N ASP C 86 -21.45 -41.73 22.34
CA ASP C 86 -20.30 -42.57 22.00
C ASP C 86 -20.45 -44.03 22.46
N VAL C 87 -19.39 -44.62 23.03
CA VAL C 87 -19.42 -46.04 23.40
C VAL C 87 -20.33 -46.30 24.60
N SER C 88 -20.30 -45.42 25.60
CA SER C 88 -21.25 -45.51 26.71
C SER C 88 -22.69 -45.45 26.22
N GLY C 89 -22.97 -44.58 25.26
CA GLY C 89 -24.30 -44.49 24.65
C GLY C 89 -24.73 -45.77 23.94
N TYR C 90 -23.80 -46.35 23.18
CA TYR C 90 -24.04 -47.60 22.47
C TYR C 90 -24.39 -48.74 23.43
N TYR C 91 -23.63 -48.85 24.52
CA TYR C 91 -23.95 -49.78 25.60
C TYR C 91 -25.37 -49.54 26.12
N GLU C 92 -25.68 -48.29 26.43
CA GLU C 92 -26.99 -47.91 26.92
C GLU C 92 -28.11 -48.29 25.94
N ALA C 93 -27.88 -47.99 24.66
CA ALA C 93 -28.80 -48.39 23.60
C ALA C 93 -29.06 -49.89 23.62
N VAL C 94 -27.98 -50.68 23.53
CA VAL C 94 -28.11 -52.15 23.47
C VAL C 94 -28.77 -52.68 24.75
N GLN C 95 -28.28 -52.21 25.89
CA GLN C 95 -28.81 -52.60 27.19
C GLN C 95 -30.32 -52.36 27.31
N ASN C 96 -30.81 -51.28 26.70
CA ASN C 96 -32.22 -50.92 26.78
C ASN C 96 -33.06 -51.47 25.62
N GLY C 97 -32.53 -52.47 24.91
CA GLY C 97 -33.32 -53.25 23.96
C GLY C 97 -33.49 -52.67 22.56
N ALA C 98 -32.57 -51.81 22.15
CA ALA C 98 -32.60 -51.28 20.78
C ALA C 98 -32.42 -52.42 19.79
N GLU C 99 -33.24 -52.41 18.75
CA GLU C 99 -33.16 -53.43 17.70
C GLU C 99 -32.33 -52.89 16.54
N ILE C 100 -32.53 -51.60 16.24
CA ILE C 100 -31.72 -50.89 15.27
C ILE C 100 -30.94 -49.77 15.95
N ILE C 101 -29.65 -49.67 15.63
CA ILE C 101 -28.78 -48.61 16.13
C ILE C 101 -28.61 -47.58 15.03
N LEU C 102 -28.88 -46.32 15.37
CA LEU C 102 -28.73 -45.20 14.45
C LEU C 102 -27.69 -44.28 15.07
N MET C 103 -26.62 -44.01 14.33
CA MET C 103 -25.55 -43.18 14.86
C MET C 103 -24.65 -42.67 13.72
N ALA C 104 -23.96 -41.56 13.96
CA ALA C 104 -23.18 -40.91 12.91
C ALA C 104 -22.00 -40.12 13.46
N ASP C 105 -20.82 -40.32 12.86
CA ASP C 105 -19.69 -39.37 12.99
C ASP C 105 -19.65 -38.53 11.72
N ASP C 106 -18.57 -37.75 11.53
CA ASP C 106 -18.51 -36.78 10.43
C ASP C 106 -18.38 -37.41 9.03
N ARG C 107 -17.97 -38.69 8.97
CA ARG C 107 -17.74 -39.40 7.71
C ARG C 107 -18.79 -40.50 7.42
N THR C 108 -19.38 -41.08 8.47
CA THR C 108 -20.35 -42.16 8.28
C THR C 108 -21.59 -41.97 9.15
N PHE C 109 -22.76 -42.03 8.51
CA PHE C 109 -24.05 -42.14 9.20
C PHE C 109 -24.59 -43.53 8.89
N LEU C 110 -24.79 -44.34 9.93
CA LEU C 110 -25.24 -45.73 9.73
C LEU C 110 -26.48 -46.10 10.52
N ALA C 111 -27.14 -47.17 10.03
CA ALA C 111 -28.20 -47.87 10.73
C ALA C 111 -27.79 -49.34 10.73
N HIS C 112 -27.64 -49.92 11.91
CA HIS C 112 -27.33 -51.34 12.04
C HIS C 112 -28.52 -52.08 12.66
N ASN C 113 -29.11 -52.99 11.88
CA ASN C 113 -30.17 -53.83 12.41
C ASN C 113 -29.57 -55.07 13.10
N LEU C 114 -29.67 -55.10 14.41
CA LEU C 114 -29.17 -56.21 15.22
C LEU C 114 -30.02 -57.48 15.07
N LYS C 115 -31.23 -57.34 14.56
CA LYS C 115 -32.13 -58.48 14.40
C LYS C 115 -31.78 -59.37 13.21
N ASN C 116 -31.18 -58.78 12.17
CA ASN C 116 -30.81 -59.54 10.99
C ASN C 116 -29.40 -59.27 10.46
N GLY C 117 -28.66 -58.41 11.17
CA GLY C 117 -27.27 -58.13 10.82
C GLY C 117 -27.07 -57.13 9.69
N LYS C 118 -28.16 -56.64 9.10
CA LYS C 118 -28.08 -55.73 7.96
C LYS C 118 -27.66 -54.32 8.39
N MET C 119 -26.85 -53.67 7.56
CA MET C 119 -26.32 -52.35 7.87
C MET C 119 -26.36 -51.46 6.62
N ALA C 120 -26.75 -50.20 6.84
CA ALA C 120 -26.96 -49.25 5.77
C ALA C 120 -26.03 -48.06 5.97
N ASN C 121 -25.48 -47.56 4.86
CA ASN C 121 -24.75 -46.29 4.82
C ASN C 121 -25.64 -45.20 4.23
N ASN C 122 -25.75 -44.08 4.95
CA ASN C 122 -26.60 -42.96 4.57
C ASN C 122 -26.37 -42.51 3.12
N GLN C 123 -25.12 -42.49 2.69
CA GLN C 123 -24.76 -41.88 1.42
C GLN C 123 -25.41 -42.57 0.23
N PRO C 124 -25.19 -43.89 0.08
CA PRO C 124 -25.90 -44.60 -1.00
C PRO C 124 -27.43 -44.67 -0.81
N CYS C 125 -27.90 -44.78 0.43
CA CYS C 125 -29.34 -44.87 0.70
C CYS C 125 -30.08 -43.59 0.30
N THR C 126 -29.45 -42.44 0.58
CA THR C 126 -29.99 -41.15 0.18
C THR C 126 -29.94 -40.97 -1.35
N GLY C 127 -28.79 -41.27 -1.96
CA GLY C 127 -28.66 -41.11 -3.40
C GLY C 127 -29.69 -41.92 -4.14
N ILE C 128 -29.85 -43.17 -3.70
CA ILE C 128 -30.81 -44.10 -4.29
C ILE C 128 -32.26 -43.65 -4.14
N ILE C 129 -32.68 -43.23 -2.95
CA ILE C 129 -34.10 -42.88 -2.75
C ILE C 129 -34.46 -41.59 -3.49
N TYR C 130 -33.57 -40.59 -3.46
CA TYR C 130 -33.81 -39.37 -4.21
C TYR C 130 -33.85 -39.65 -5.72
N ALA C 131 -32.97 -40.53 -6.18
CA ALA C 131 -32.92 -40.92 -7.60
C ALA C 131 -34.16 -41.71 -8.03
N GLU C 132 -34.66 -42.55 -7.12
CA GLU C 132 -35.88 -43.33 -7.35
C GLU C 132 -37.11 -42.41 -7.45
N ILE C 133 -37.19 -41.44 -6.56
CA ILE C 133 -38.26 -40.45 -6.57
C ILE C 133 -38.29 -39.72 -7.92
N ALA C 134 -37.12 -39.26 -8.35
CA ALA C 134 -36.96 -38.64 -9.66
C ALA C 134 -37.48 -39.54 -10.78
N SER C 135 -37.09 -40.81 -10.76
CA SER C 135 -37.44 -41.76 -11.82
C SER C 135 -38.93 -42.03 -11.90
N ARG C 136 -39.66 -41.81 -10.81
CA ARG C 136 -41.08 -42.09 -10.76
C ARG C 136 -41.96 -40.88 -11.04
N TYR C 137 -41.37 -39.75 -11.44
CA TYR C 137 -42.18 -38.60 -11.85
C TYR C 137 -43.19 -39.04 -12.90
N LEU C 138 -44.47 -38.99 -12.54
CA LEU C 138 -45.57 -39.51 -13.37
C LEU C 138 -45.72 -38.78 -14.70
N LYS C 139 -45.62 -37.45 -14.67
CA LYS C 139 -45.84 -36.62 -15.87
C LYS C 139 -44.54 -36.22 -16.56
N ALA C 140 -43.58 -37.13 -16.59
CA ALA C 140 -42.24 -36.87 -17.13
C ALA C 140 -42.23 -36.84 -18.67
N ASP C 141 -42.74 -37.89 -19.28
CA ASP C 141 -42.77 -38.01 -20.74
C ASP C 141 -41.36 -37.89 -21.37
N SER C 142 -40.47 -38.76 -20.91
CA SER C 142 -39.09 -38.86 -21.41
C SER C 142 -38.31 -39.80 -20.49
N LYS C 143 -37.33 -40.51 -21.04
CA LYS C 143 -36.46 -41.38 -20.23
C LYS C 143 -35.13 -40.70 -19.91
N ASP C 144 -35.05 -39.39 -20.17
CA ASP C 144 -33.82 -38.64 -19.94
C ASP C 144 -33.83 -38.02 -18.57
N VAL C 145 -32.70 -38.10 -17.88
CA VAL C 145 -32.53 -37.48 -16.57
C VAL C 145 -31.14 -36.81 -16.49
N LEU C 146 -31.09 -35.66 -15.83
CA LEU C 146 -29.83 -34.97 -15.56
C LEU C 146 -29.40 -35.25 -14.12
N VAL C 147 -28.14 -35.61 -13.94
CA VAL C 147 -27.58 -35.80 -12.61
C VAL C 147 -26.45 -34.79 -12.43
N VAL C 148 -26.61 -33.89 -11.46
CA VAL C 148 -25.58 -32.88 -11.15
C VAL C 148 -24.98 -33.19 -9.78
N GLY C 149 -23.68 -33.51 -9.77
CA GLY C 149 -23.00 -33.97 -8.56
C GLY C 149 -22.93 -35.49 -8.55
N LEU C 150 -21.70 -36.00 -8.63
CA LEU C 150 -21.44 -37.43 -8.76
C LEU C 150 -20.50 -37.92 -7.65
N GLY C 151 -20.71 -37.41 -6.43
CA GLY C 151 -19.89 -37.81 -5.28
C GLY C 151 -20.46 -38.98 -4.52
N LYS C 152 -20.24 -39.01 -3.21
CA LYS C 152 -20.69 -40.13 -2.37
C LYS C 152 -22.21 -40.34 -2.41
N VAL C 153 -22.98 -39.26 -2.54
CA VAL C 153 -24.45 -39.36 -2.70
C VAL C 153 -24.87 -39.46 -4.17
N GLY C 154 -24.28 -38.64 -5.02
CA GLY C 154 -24.67 -38.56 -6.43
C GLY C 154 -24.39 -39.80 -7.24
N PHE C 155 -23.22 -40.40 -7.03
CA PHE C 155 -22.78 -41.56 -7.83
C PHE C 155 -23.71 -42.78 -7.71
N PRO C 156 -24.04 -43.22 -6.48
CA PRO C 156 -25.01 -44.32 -6.39
C PRO C 156 -26.40 -43.96 -6.96
N GLY C 157 -26.78 -42.69 -6.89
CA GLY C 157 -28.03 -42.21 -7.50
C GLY C 157 -28.03 -42.34 -9.01
N ALA C 158 -26.92 -41.93 -9.63
CA ALA C 158 -26.70 -42.15 -11.05
C ALA C 158 -26.69 -43.65 -11.40
N GLU C 159 -26.02 -44.46 -10.57
CA GLU C 159 -25.94 -45.91 -10.80
C GLU C 159 -27.31 -46.58 -10.73
N HIS C 160 -28.11 -46.16 -9.75
CA HIS C 160 -29.48 -46.63 -9.63
C HIS C 160 -30.31 -46.29 -10.88
N LEU C 161 -30.18 -45.07 -11.38
CA LEU C 161 -30.94 -44.62 -12.57
C LEU C 161 -30.54 -45.40 -13.82
N VAL C 162 -29.24 -45.63 -13.99
CA VAL C 162 -28.73 -46.44 -15.11
C VAL C 162 -29.31 -47.85 -15.06
N GLN C 163 -29.32 -48.45 -13.88
CA GLN C 163 -29.82 -49.82 -13.71
C GLN C 163 -31.33 -49.92 -13.86
N LYS C 164 -32.03 -48.78 -13.81
CA LYS C 164 -33.45 -48.72 -14.12
C LYS C 164 -33.68 -48.27 -15.56
N ASP C 165 -32.62 -48.31 -16.36
CA ASP C 165 -32.73 -48.21 -17.82
C ASP C 165 -33.07 -46.80 -18.31
N PHE C 166 -32.71 -45.79 -17.52
CA PHE C 166 -32.89 -44.39 -17.93
C PHE C 166 -31.69 -43.95 -18.76
N ARG C 167 -31.89 -42.94 -19.60
CA ARG C 167 -30.79 -42.28 -20.29
C ARG C 167 -30.25 -41.18 -19.37
N VAL C 168 -29.12 -41.46 -18.73
CA VAL C 168 -28.59 -40.61 -17.67
C VAL C 168 -27.52 -39.64 -18.20
N TYR C 169 -27.80 -38.34 -18.04
CA TYR C 169 -26.81 -37.30 -18.28
C TYR C 169 -26.22 -36.87 -16.94
N GLY C 170 -24.91 -36.65 -16.91
CA GLY C 170 -24.20 -36.35 -15.67
C GLY C 170 -23.24 -35.19 -15.80
N TYR C 171 -23.18 -34.35 -14.77
CA TYR C 171 -22.18 -33.31 -14.71
C TYR C 171 -21.65 -33.19 -13.30
N ASP C 172 -20.34 -33.03 -13.20
CA ASP C 172 -19.69 -32.71 -11.94
C ASP C 172 -18.56 -31.70 -12.23
N ALA C 173 -18.38 -30.74 -11.33
CA ALA C 173 -17.32 -29.72 -11.49
C ALA C 173 -15.92 -30.30 -11.42
N ASP C 174 -15.81 -31.49 -10.81
CA ASP C 174 -14.56 -32.23 -10.77
C ASP C 174 -14.45 -33.06 -12.04
N GLU C 175 -13.56 -32.66 -12.95
CA GLU C 175 -13.38 -33.35 -14.23
C GLU C 175 -12.97 -34.82 -14.06
N THR C 176 -12.13 -35.08 -13.07
CA THR C 176 -11.73 -36.46 -12.72
C THR C 176 -12.96 -37.30 -12.40
N LEU C 177 -13.80 -36.75 -11.52
CA LEU C 177 -14.98 -37.44 -11.03
C LEU C 177 -16.01 -37.65 -12.13
N LEU C 178 -16.17 -36.64 -13.00
CA LEU C 178 -17.05 -36.76 -14.17
C LEU C 178 -16.54 -37.82 -15.15
N GLU C 179 -15.21 -38.00 -15.20
CA GLU C 179 -14.61 -39.00 -16.07
C GLU C 179 -14.80 -40.42 -15.55
N ARG C 180 -14.46 -40.66 -14.29
CA ARG C 180 -14.61 -42.00 -13.71
C ARG C 180 -16.07 -42.47 -13.80
N ALA C 181 -17.01 -41.55 -13.61
CA ALA C 181 -18.43 -41.89 -13.64
C ALA C 181 -18.88 -42.31 -15.03
N THR C 182 -18.44 -41.58 -16.06
CA THR C 182 -18.79 -41.95 -17.43
C THR C 182 -18.09 -43.25 -17.86
N SER C 183 -16.95 -43.58 -17.25
CA SER C 183 -16.28 -44.86 -17.51
C SER C 183 -16.99 -45.98 -16.77
N ASN C 184 -17.15 -45.86 -15.46
CA ASN C 184 -17.70 -46.94 -14.66
C ASN C 184 -19.17 -47.22 -14.92
N LEU C 185 -19.92 -46.19 -15.26
CA LEU C 185 -21.36 -46.34 -15.43
C LEU C 185 -21.86 -46.13 -16.87
N GLY C 186 -21.00 -45.62 -17.75
CA GLY C 186 -21.39 -45.40 -19.14
C GLY C 186 -22.42 -44.29 -19.34
N ILE C 187 -22.51 -43.35 -18.41
CA ILE C 187 -23.41 -42.19 -18.54
C ILE C 187 -22.89 -41.21 -19.59
N ILE C 188 -23.77 -40.37 -20.12
CA ILE C 188 -23.39 -39.40 -21.13
C ILE C 188 -22.89 -38.11 -20.46
N PRO C 189 -21.61 -37.76 -20.66
CA PRO C 189 -21.14 -36.49 -20.11
C PRO C 189 -21.98 -35.32 -20.61
N PHE C 190 -22.49 -34.52 -19.67
CA PHE C 190 -23.31 -33.35 -20.01
C PHE C 190 -22.41 -32.13 -20.22
N ASP C 191 -22.71 -31.37 -21.26
CA ASP C 191 -21.92 -30.19 -21.65
C ASP C 191 -22.67 -28.89 -21.36
N PRO C 192 -22.26 -28.14 -20.31
CA PRO C 192 -22.88 -26.86 -19.98
C PRO C 192 -22.99 -25.86 -21.14
N ALA C 193 -22.02 -25.88 -22.06
CA ALA C 193 -22.06 -24.98 -23.22
C ALA C 193 -23.13 -25.38 -24.26
N ASN C 194 -23.47 -26.67 -24.31
CA ASN C 194 -24.50 -27.21 -25.23
C ASN C 194 -25.68 -27.80 -24.44
N PRO C 195 -26.45 -26.95 -23.76
CA PRO C 195 -27.47 -27.48 -22.86
C PRO C 195 -28.67 -28.07 -23.60
N LYS C 196 -29.41 -28.92 -22.90
CA LYS C 196 -30.74 -29.34 -23.32
C LYS C 196 -31.67 -29.24 -22.12
N LYS C 197 -32.97 -29.27 -22.38
CA LYS C 197 -33.96 -29.15 -21.31
C LYS C 197 -34.43 -30.51 -20.84
N PHE C 198 -34.46 -30.69 -19.51
CA PHE C 198 -34.88 -31.95 -18.89
C PHE C 198 -36.17 -31.73 -18.12
N SER C 199 -36.96 -32.80 -18.00
CA SER C 199 -38.12 -32.82 -17.11
C SER C 199 -37.82 -33.53 -15.78
N ILE C 200 -36.71 -34.29 -15.73
CA ILE C 200 -36.26 -34.96 -14.51
C ILE C 200 -34.82 -34.54 -14.20
N ILE C 201 -34.58 -34.04 -12.98
CA ILE C 201 -33.24 -33.59 -12.55
C ILE C 201 -32.93 -34.04 -11.12
N PHE C 202 -31.79 -34.71 -10.96
CA PHE C 202 -31.29 -35.16 -9.66
C PHE C 202 -30.02 -34.36 -9.33
N GLU C 203 -30.01 -33.68 -8.19
CA GLU C 203 -28.82 -32.89 -7.78
C GLU C 203 -28.33 -33.29 -6.39
N ALA C 204 -27.03 -33.58 -6.29
CA ALA C 204 -26.42 -33.90 -4.98
C ALA C 204 -25.07 -33.20 -4.82
N THR C 205 -25.15 -31.89 -4.59
CA THR C 205 -23.97 -31.01 -4.50
C THR C 205 -24.13 -30.13 -3.25
N PRO C 206 -23.01 -29.66 -2.63
CA PRO C 206 -23.16 -28.76 -1.48
C PRO C 206 -23.21 -27.27 -1.83
N CYS C 207 -23.63 -26.94 -3.05
CA CYS C 207 -23.55 -25.57 -3.55
C CYS C 207 -24.90 -25.07 -4.05
N ALA C 208 -25.08 -23.77 -3.89
CA ALA C 208 -26.28 -23.09 -4.36
C ALA C 208 -26.22 -22.86 -5.86
N ASN C 209 -27.40 -22.80 -6.47
CA ASN C 209 -27.59 -22.36 -7.85
C ASN C 209 -26.70 -23.09 -8.86
N THR C 210 -26.76 -24.42 -8.82
CA THR C 210 -26.00 -25.30 -9.72
C THR C 210 -26.79 -25.79 -10.94
N ILE C 211 -28.10 -25.55 -10.95
CA ILE C 211 -28.97 -25.92 -12.06
C ILE C 211 -29.25 -24.67 -12.89
N PRO C 212 -28.64 -24.57 -14.10
CA PRO C 212 -28.83 -23.36 -14.91
C PRO C 212 -30.23 -23.28 -15.52
N GLU C 213 -30.66 -22.07 -15.86
CA GLU C 213 -31.96 -21.85 -16.48
C GLU C 213 -32.19 -22.66 -17.76
N ALA C 214 -31.15 -22.77 -18.59
CA ALA C 214 -31.24 -23.45 -19.90
C ALA C 214 -31.58 -24.94 -19.79
N VAL C 215 -31.35 -25.53 -18.61
CA VAL C 215 -31.54 -26.96 -18.44
C VAL C 215 -32.97 -27.30 -17.98
N LEU C 216 -33.72 -26.29 -17.53
CA LEU C 216 -35.05 -26.48 -16.97
C LEU C 216 -36.15 -26.48 -18.04
N SER C 217 -37.22 -27.22 -17.77
CA SER C 217 -38.46 -27.10 -18.53
C SER C 217 -39.61 -26.88 -17.56
N GLU C 218 -40.74 -26.43 -18.07
CA GLU C 218 -41.88 -26.10 -17.23
C GLU C 218 -42.33 -27.36 -16.48
N ASN C 219 -42.65 -27.20 -15.20
CA ASN C 219 -43.14 -28.29 -14.34
C ASN C 219 -42.19 -29.49 -14.19
N CYS C 220 -40.90 -29.28 -14.41
CA CYS C 220 -39.92 -30.37 -14.23
C CYS C 220 -39.73 -30.70 -12.75
N VAL C 221 -39.28 -31.93 -12.50
CA VAL C 221 -38.99 -32.36 -11.14
C VAL C 221 -37.52 -32.15 -10.83
N LEU C 222 -37.24 -31.56 -9.68
CA LEU C 222 -35.89 -31.45 -9.15
C LEU C 222 -35.84 -32.19 -7.83
N SER C 223 -35.22 -33.37 -7.83
CA SER C 223 -35.04 -34.18 -6.64
C SER C 223 -33.62 -33.93 -6.13
N THR C 224 -33.47 -33.33 -4.96
CA THR C 224 -32.14 -32.98 -4.49
C THR C 224 -31.99 -33.10 -2.97
N PRO C 225 -31.04 -33.94 -2.51
CA PRO C 225 -30.64 -33.92 -1.11
C PRO C 225 -29.60 -32.84 -0.82
N GLY C 226 -28.99 -32.27 -1.86
CA GLY C 226 -27.99 -31.21 -1.70
C GLY C 226 -28.43 -30.02 -0.86
N ILE C 227 -27.48 -29.50 -0.06
CA ILE C 227 -27.72 -28.33 0.79
C ILE C 227 -26.57 -27.33 0.56
N PRO C 228 -26.90 -26.04 0.31
CA PRO C 228 -28.22 -25.42 0.16
C PRO C 228 -28.90 -25.74 -1.17
N CYS C 229 -30.03 -25.08 -1.45
CA CYS C 229 -30.86 -25.42 -2.57
C CYS C 229 -30.17 -25.14 -3.90
N ALA C 230 -30.27 -26.09 -4.82
CA ALA C 230 -29.53 -26.06 -6.08
C ALA C 230 -30.05 -25.03 -7.06
N ILE C 231 -31.26 -24.53 -6.82
CA ILE C 231 -31.92 -23.62 -7.73
C ILE C 231 -32.43 -22.41 -6.95
N SER C 232 -32.42 -21.24 -7.60
CA SER C 232 -32.86 -20.00 -6.96
C SER C 232 -34.39 -19.95 -6.88
N GLU C 233 -34.90 -19.16 -5.93
CA GLU C 233 -36.33 -18.93 -5.76
C GLU C 233 -36.95 -18.46 -7.07
N GLU C 234 -36.26 -17.54 -7.74
CA GLU C 234 -36.74 -16.95 -8.99
C GLU C 234 -36.96 -18.00 -10.08
N LEU C 235 -35.96 -18.84 -10.32
CA LEU C 235 -36.05 -19.90 -11.33
C LEU C 235 -37.00 -21.03 -10.92
N ARG C 236 -37.10 -21.30 -9.63
CA ARG C 236 -38.04 -22.28 -9.11
C ARG C 236 -39.48 -21.85 -9.43
N ASP C 237 -39.79 -20.60 -9.12
CA ASP C 237 -41.12 -20.01 -9.39
C ASP C 237 -41.39 -19.91 -10.90
N LYS C 238 -40.43 -19.36 -11.63
CA LYS C 238 -40.55 -19.13 -13.08
C LYS C 238 -40.95 -20.37 -13.88
N TYR C 239 -40.35 -21.50 -13.54
CA TYR C 239 -40.60 -22.74 -14.27
C TYR C 239 -41.53 -23.68 -13.53
N GLU C 240 -42.10 -23.21 -12.42
CA GLU C 240 -43.00 -24.01 -11.59
C GLU C 240 -42.35 -25.36 -11.27
N VAL C 241 -41.13 -25.29 -10.75
CA VAL C 241 -40.31 -26.49 -10.53
C VAL C 241 -40.90 -27.30 -9.38
N GLN C 242 -41.02 -28.60 -9.60
CA GLN C 242 -41.49 -29.50 -8.55
C GLN C 242 -40.36 -30.03 -7.70
N LEU C 243 -40.15 -29.38 -6.56
CA LEU C 243 -38.95 -29.56 -5.76
C LEU C 243 -39.16 -30.68 -4.74
N ILE C 244 -38.27 -31.68 -4.76
CA ILE C 244 -38.18 -32.64 -3.66
C ILE C 244 -36.86 -32.40 -2.94
N ALA C 245 -36.94 -31.88 -1.71
CA ALA C 245 -35.77 -31.44 -0.98
C ALA C 245 -36.05 -31.41 0.52
N GLU C 246 -35.23 -32.12 1.27
CA GLU C 246 -35.47 -32.30 2.68
C GLU C 246 -34.15 -32.69 3.34
N PRO C 247 -33.84 -32.12 4.52
CA PRO C 247 -32.47 -32.22 5.04
C PRO C 247 -32.00 -33.55 5.62
N LEU C 248 -32.91 -34.44 6.03
CA LEU C 248 -32.49 -35.62 6.80
C LEU C 248 -33.45 -36.81 6.75
N GLY C 249 -34.75 -36.52 6.77
CA GLY C 249 -35.79 -37.55 6.87
C GLY C 249 -35.92 -38.57 5.74
N ILE C 250 -35.86 -38.12 4.50
CA ILE C 250 -36.02 -39.03 3.36
C ILE C 250 -34.87 -40.03 3.32
N GLY C 251 -33.63 -39.53 3.49
CA GLY C 251 -32.46 -40.39 3.54
C GLY C 251 -32.48 -41.36 4.70
N THR C 252 -32.93 -40.90 5.87
CA THR C 252 -33.02 -41.75 7.05
C THR C 252 -34.06 -42.88 6.84
N ALA C 253 -35.21 -42.53 6.29
CA ALA C 253 -36.24 -43.52 5.94
C ALA C 253 -35.68 -44.58 5.01
N SER C 254 -34.93 -44.14 3.99
CA SER C 254 -34.24 -45.05 3.08
C SER C 254 -33.32 -46.00 3.84
N MET C 255 -32.53 -45.48 4.77
CA MET C 255 -31.62 -46.32 5.58
C MET C 255 -32.39 -47.39 6.37
N LEU C 256 -33.42 -46.95 7.08
CA LEU C 256 -34.17 -47.83 7.95
C LEU C 256 -34.88 -48.94 7.16
N TYR C 257 -35.58 -48.58 6.08
CA TYR C 257 -36.28 -49.60 5.29
C TYR C 257 -35.33 -50.54 4.52
N SER C 258 -34.09 -50.11 4.30
CA SER C 258 -33.10 -51.00 3.66
C SER C 258 -32.58 -52.10 4.59
N VAL C 259 -32.73 -51.94 5.90
CA VAL C 259 -32.21 -52.94 6.87
C VAL C 259 -33.28 -53.80 7.54
N LEU C 260 -34.55 -53.52 7.29
CA LEU C 260 -35.62 -54.30 7.91
C LEU C 260 -35.66 -55.73 7.35
N SER D 1 15.92 28.35 -4.46
CA SER D 1 15.99 29.69 -5.12
C SER D 1 16.29 30.81 -4.12
N MET D 2 15.69 30.76 -2.94
CA MET D 2 15.83 31.85 -1.96
C MET D 2 16.17 31.40 -0.53
N ALA D 3 17.40 31.71 -0.12
CA ALA D 3 17.84 31.54 1.27
C ALA D 3 17.30 32.69 2.12
N LEU D 4 16.33 32.37 2.97
CA LEU D 4 15.65 33.35 3.81
C LEU D 4 15.58 32.79 5.21
N LEU D 5 15.72 33.66 6.21
CA LEU D 5 15.57 33.24 7.59
C LEU D 5 14.14 32.73 7.85
N THR D 6 14.02 31.79 8.79
CA THR D 6 12.73 31.35 9.28
C THR D 6 12.63 31.78 10.74
N PRO D 7 11.41 31.79 11.29
CA PRO D 7 11.21 32.12 12.71
C PRO D 7 12.03 31.26 13.70
N ASP D 8 12.20 29.97 13.40
CA ASP D 8 13.02 29.07 14.24
C ASP D 8 14.48 29.51 14.33
N ASP D 9 15.01 30.09 13.25
CA ASP D 9 16.40 30.59 13.26
C ASP D 9 16.60 31.74 14.25
N LEU D 10 15.49 32.39 14.63
CA LEU D 10 15.54 33.62 15.41
C LEU D 10 14.94 33.46 16.81
N ILE D 11 14.85 32.22 17.31
CA ILE D 11 14.37 31.99 18.67
C ILE D 11 15.41 32.53 19.65
N ASN D 12 14.96 33.34 20.61
CA ASN D 12 15.83 33.86 21.67
C ASN D 12 17.11 34.46 21.10
N ILE D 13 16.94 35.49 20.27
CA ILE D 13 18.05 36.06 19.52
C ILE D 13 19.09 36.71 20.45
N ASN D 14 18.65 37.23 21.59
CA ASN D 14 19.58 37.82 22.58
C ASN D 14 20.64 36.83 23.06
N MET D 15 20.22 35.61 23.33
CA MET D 15 21.11 34.55 23.78
C MET D 15 22.11 34.17 22.67
N GLN D 16 21.64 34.06 21.43
CA GLN D 16 22.52 33.77 20.29
C GLN D 16 23.56 34.86 20.05
N LEU D 17 23.17 36.11 20.28
CA LEU D 17 24.06 37.26 20.10
C LEU D 17 25.13 37.28 21.20
N GLN D 18 24.70 37.22 22.45
CA GLN D 18 25.61 37.12 23.62
C GLN D 18 26.69 36.05 23.46
N LYS D 19 26.26 34.83 23.09
CA LYS D 19 27.20 33.73 22.84
C LYS D 19 28.16 34.09 21.72
N ALA D 20 27.61 34.58 20.61
CA ALA D 20 28.42 34.99 19.46
C ALA D 20 29.41 36.08 19.85
N ASP D 21 28.95 37.05 20.65
CA ASP D 21 29.80 38.16 21.13
C ASP D 21 30.97 37.61 21.97
N SER D 22 30.66 36.66 22.86
CA SER D 22 31.69 35.98 23.67
C SER D 22 32.64 35.14 22.82
N ALA D 23 32.10 34.47 21.81
CA ALA D 23 32.91 33.66 20.91
C ALA D 23 33.88 34.56 20.12
N VAL D 24 33.38 35.69 19.65
CA VAL D 24 34.22 36.67 18.94
C VAL D 24 35.34 37.19 19.84
N GLN D 25 35.03 37.37 21.12
CA GLN D 25 35.98 37.88 22.12
C GLN D 25 37.11 36.89 22.36
N GLU D 26 36.72 35.65 22.63
CA GLU D 26 37.65 34.53 22.79
C GLU D 26 38.60 34.42 21.60
N VAL D 27 38.07 34.63 20.39
CA VAL D 27 38.84 34.44 19.15
C VAL D 27 39.75 35.63 18.83
N THR D 28 39.22 36.85 18.90
CA THR D 28 39.93 38.03 18.39
C THR D 28 40.42 39.03 19.44
N GLY D 29 39.90 38.95 20.65
CA GLY D 29 40.23 39.90 21.71
C GLY D 29 39.34 41.14 21.73
N LEU D 30 38.49 41.29 20.72
CA LEU D 30 37.49 42.35 20.67
C LEU D 30 36.10 41.74 20.70
N ASP D 31 35.13 42.51 21.20
CA ASP D 31 33.72 42.14 21.05
C ASP D 31 33.25 42.61 19.66
N ILE D 32 31.97 42.38 19.33
CA ILE D 32 31.43 42.76 18.02
C ILE D 32 31.54 44.28 17.75
N LYS D 33 31.24 45.09 18.77
CA LYS D 33 31.42 46.55 18.67
C LYS D 33 32.86 46.90 18.29
N GLY D 34 33.80 46.20 18.92
CA GLY D 34 35.23 46.40 18.69
C GLY D 34 35.64 46.04 17.27
N ILE D 35 35.05 44.99 16.72
CA ILE D 35 35.31 44.59 15.35
C ILE D 35 34.76 45.63 14.39
N CYS D 36 33.54 46.10 14.65
CA CYS D 36 32.92 47.14 13.81
C CYS D 36 33.72 48.43 13.83
N LYS D 37 34.19 48.80 15.02
CA LYS D 37 35.07 49.93 15.21
C LYS D 37 36.31 49.84 14.31
N ALA D 38 37.01 48.71 14.38
CA ALA D 38 38.19 48.47 13.53
C ALA D 38 37.84 48.53 12.03
N LEU D 39 36.65 48.05 11.69
CA LEU D 39 36.21 48.06 10.30
C LEU D 39 35.89 49.45 9.79
N TYR D 40 35.08 50.18 10.56
CA TYR D 40 34.47 51.40 10.07
C TYR D 40 34.91 52.67 10.78
N GLY D 41 35.59 52.52 11.92
CA GLY D 41 36.05 53.65 12.73
C GLY D 41 35.00 54.31 13.61
N THR D 42 33.85 53.63 13.78
CA THR D 42 32.65 54.24 14.38
C THR D 42 32.21 53.58 15.68
N PHE D 43 31.61 54.39 16.57
CA PHE D 43 30.84 53.88 17.72
C PHE D 43 29.43 54.41 17.61
N SER D 44 28.50 53.72 18.27
CA SER D 44 27.10 54.12 18.26
C SER D 44 26.89 55.31 19.18
N SER D 45 25.84 56.08 18.90
CA SER D 45 25.48 57.28 19.66
C SER D 45 23.98 57.32 19.89
N SER D 46 23.40 56.21 20.36
CA SER D 46 21.96 56.11 20.55
C SER D 46 21.15 56.54 19.32
N GLU D 47 21.65 56.28 18.11
CA GLU D 47 20.94 56.71 16.91
C GLU D 47 19.55 56.09 16.86
N LYS D 48 18.61 56.83 16.29
CA LYS D 48 17.23 56.38 16.19
C LYS D 48 17.04 55.57 14.90
N VAL D 49 16.68 54.30 15.07
CA VAL D 49 16.59 53.35 13.98
C VAL D 49 15.14 52.93 13.80
N GLY D 50 14.57 53.27 12.65
CA GLY D 50 13.22 52.83 12.33
C GLY D 50 13.29 51.55 11.53
N ILE D 51 12.64 50.50 12.04
CA ILE D 51 12.63 49.20 11.42
C ILE D 51 11.29 49.00 10.77
N VAL D 52 11.29 48.85 9.45
CA VAL D 52 10.07 48.84 8.66
C VAL D 52 9.80 47.40 8.21
N PRO D 53 8.68 46.79 8.65
CA PRO D 53 8.31 45.49 8.10
C PRO D 53 7.91 45.60 6.65
N VAL D 54 8.24 44.58 5.85
CA VAL D 54 8.00 44.60 4.41
C VAL D 54 7.32 43.30 3.96
N THR D 55 6.20 43.45 3.25
CA THR D 55 5.37 42.32 2.82
C THR D 55 5.71 41.85 1.38
N SER D 56 6.75 42.42 0.80
CA SER D 56 7.18 42.12 -0.57
C SER D 56 7.70 40.68 -0.74
N GLY D 57 7.33 40.06 -1.85
CA GLY D 57 7.75 38.69 -2.16
C GLY D 57 7.13 37.69 -1.20
N ASN D 58 7.97 36.97 -0.50
CA ASN D 58 7.51 35.97 0.46
C ASN D 58 7.01 36.57 1.78
N GLY D 59 7.05 37.87 1.91
CA GLY D 59 6.31 38.57 2.94
C GLY D 59 7.05 38.73 4.25
N ILE D 60 6.34 39.18 5.28
CA ILE D 60 6.89 39.35 6.61
C ILE D 60 7.31 37.98 7.16
N ILE D 61 8.53 37.92 7.69
CA ILE D 61 9.07 36.71 8.30
C ILE D 61 8.85 36.84 9.80
N GLY D 62 8.25 35.82 10.39
CA GLY D 62 8.01 35.79 11.84
C GLY D 62 9.30 36.05 12.58
N ASN D 63 9.23 36.92 13.57
CA ASN D 63 10.35 37.30 14.43
C ASN D 63 11.42 38.18 13.78
N PHE D 64 11.26 38.52 12.52
CA PHE D 64 12.31 39.26 11.83
C PHE D 64 12.47 40.63 12.46
N SER D 65 11.44 41.47 12.40
CA SER D 65 11.54 42.84 12.94
C SER D 65 11.72 42.90 14.47
N ALA D 66 11.10 41.97 15.20
CA ALA D 66 11.33 41.88 16.64
C ALA D 66 12.79 41.52 16.94
N SER D 67 13.39 40.66 16.12
CA SER D 67 14.80 40.28 16.30
C SER D 67 15.75 41.45 16.06
N LEU D 68 15.45 42.23 15.00
CA LEU D 68 16.22 43.42 14.68
C LEU D 68 16.10 44.46 15.79
N HIS D 69 14.92 44.55 16.37
CA HIS D 69 14.67 45.43 17.51
C HIS D 69 15.54 45.02 18.68
N ALA D 70 15.65 43.72 18.94
CA ALA D 70 16.53 43.20 20.00
C ALA D 70 18.00 43.46 19.69
N ILE D 71 18.41 43.18 18.46
CA ILE D 71 19.79 43.42 18.00
C ILE D 71 20.21 44.88 18.14
N THR D 72 19.39 45.80 17.64
CA THR D 72 19.70 47.23 17.66
C THR D 72 19.79 47.75 19.10
N GLN D 73 18.88 47.29 19.95
CA GLN D 73 18.89 47.67 21.37
C GLN D 73 20.20 47.18 21.98
N TYR D 74 20.49 45.90 21.79
CA TYR D 74 21.75 45.30 22.25
C TYR D 74 22.98 46.14 21.94
N PHE D 75 23.04 46.74 20.75
CA PHE D 75 24.22 47.53 20.35
C PHE D 75 24.12 49.02 20.73
N GLY D 76 23.08 49.39 21.47
CA GLY D 76 22.96 50.74 22.00
C GLY D 76 22.19 51.72 21.13
N PHE D 77 21.38 51.21 20.19
CA PHE D 77 20.60 52.07 19.32
C PHE D 77 19.19 52.29 19.87
N ASP D 78 18.63 53.46 19.60
CA ASP D 78 17.27 53.78 20.01
C ASP D 78 16.34 53.34 18.88
N SER D 79 15.98 52.07 18.89
CA SER D 79 15.25 51.49 17.77
C SER D 79 13.77 51.37 18.06
N PHE D 80 12.99 51.36 16.98
CA PHE D 80 11.57 51.07 17.06
C PHE D 80 11.08 50.36 15.78
N VAL D 81 9.98 49.61 15.91
CA VAL D 81 9.36 48.95 14.76
C VAL D 81 8.09 49.69 14.40
N THR D 82 7.94 50.05 13.13
CA THR D 82 6.72 50.70 12.67
C THR D 82 5.54 49.71 12.67
N ASP D 83 4.34 50.20 12.95
CA ASP D 83 3.16 49.34 12.93
C ASP D 83 2.70 49.04 11.51
N MET D 84 2.77 50.01 10.61
CA MET D 84 2.43 49.75 9.21
C MET D 84 3.65 49.20 8.47
N PRO D 85 3.41 48.33 7.47
CA PRO D 85 4.49 47.82 6.66
C PRO D 85 4.74 48.70 5.43
N ASP D 86 5.80 48.38 4.68
CA ASP D 86 5.99 48.91 3.33
C ASP D 86 6.06 50.45 3.30
N VAL D 87 5.37 51.09 2.37
CA VAL D 87 5.50 52.55 2.15
C VAL D 87 4.85 53.34 3.28
N SER D 88 3.69 52.87 3.74
CA SER D 88 3.04 53.47 4.90
C SER D 88 3.96 53.35 6.11
N GLY D 89 4.65 52.23 6.23
CA GLY D 89 5.66 52.01 7.28
C GLY D 89 6.84 52.95 7.19
N TYR D 90 7.40 53.12 5.99
CA TYR D 90 8.49 54.05 5.75
C TYR D 90 8.09 55.46 6.17
N TYR D 91 6.93 55.90 5.69
CA TYR D 91 6.35 57.18 6.09
C TYR D 91 6.32 57.28 7.61
N GLU D 92 5.76 56.27 8.27
CA GLU D 92 5.63 56.27 9.73
C GLU D 92 6.99 56.40 10.42
N ALA D 93 7.99 55.68 9.91
CA ALA D 93 9.35 55.76 10.46
C ALA D 93 9.91 57.19 10.39
N VAL D 94 9.84 57.82 9.22
CA VAL D 94 10.44 59.15 9.02
C VAL D 94 9.70 60.18 9.88
N GLN D 95 8.38 60.07 9.89
CA GLN D 95 7.52 60.92 10.67
C GLN D 95 7.85 60.86 12.17
N ASN D 96 8.25 59.67 12.65
CA ASN D 96 8.63 59.48 14.06
C ASN D 96 10.12 59.72 14.37
N GLY D 97 10.83 60.38 13.46
CA GLY D 97 12.18 60.82 13.70
C GLY D 97 13.25 59.76 13.59
N ALA D 98 13.06 58.78 12.71
CA ALA D 98 14.10 57.80 12.46
C ALA D 98 15.26 58.49 11.76
N GLU D 99 16.47 58.15 12.17
CA GLU D 99 17.69 58.68 11.55
C GLU D 99 18.23 57.65 10.55
N ILE D 100 18.08 56.37 10.90
CA ILE D 100 18.47 55.27 10.04
C ILE D 100 17.24 54.39 9.76
N ILE D 101 17.06 54.02 8.50
CA ILE D 101 15.97 53.15 8.09
C ILE D 101 16.55 51.76 7.85
N LEU D 102 15.92 50.76 8.48
CA LEU D 102 16.34 49.37 8.40
C LEU D 102 15.18 48.57 7.82
N MET D 103 15.36 48.02 6.62
CA MET D 103 14.30 47.29 5.95
C MET D 103 14.82 46.32 4.91
N ALA D 104 14.03 45.27 4.64
CA ALA D 104 14.43 44.21 3.74
C ALA D 104 13.29 43.65 2.96
N ASP D 105 13.50 43.47 1.64
CA ASP D 105 12.74 42.49 0.85
C ASP D 105 13.59 41.21 0.64
N ASP D 106 13.15 40.32 -0.24
CA ASP D 106 13.79 39.01 -0.39
C ASP D 106 15.14 39.03 -1.09
N ARG D 107 15.48 40.13 -1.75
CA ARG D 107 16.76 40.24 -2.41
C ARG D 107 17.68 41.30 -1.82
N THR D 108 17.12 42.28 -1.10
CA THR D 108 17.93 43.36 -0.51
C THR D 108 17.49 43.69 0.94
N PHE D 109 18.46 43.73 1.83
CA PHE D 109 18.30 44.16 3.23
C PHE D 109 19.27 45.33 3.42
N LEU D 110 18.73 46.52 3.68
CA LEU D 110 19.55 47.72 3.68
C LEU D 110 19.42 48.52 4.97
N ALA D 111 20.44 49.35 5.21
CA ALA D 111 20.40 50.39 6.22
C ALA D 111 20.71 51.69 5.50
N HIS D 112 19.82 52.67 5.63
CA HIS D 112 20.00 53.99 5.04
C HIS D 112 20.02 55.05 6.13
N ASN D 113 21.20 55.63 6.34
CA ASN D 113 21.38 56.75 7.27
C ASN D 113 20.98 58.06 6.61
N LEU D 114 19.86 58.59 7.06
CA LEU D 114 19.32 59.82 6.52
C LEU D 114 20.16 61.03 6.95
N LYS D 115 20.91 60.89 8.04
CA LYS D 115 21.69 62.01 8.57
C LYS D 115 22.98 62.28 7.78
N ASN D 116 23.56 61.24 7.19
CA ASN D 116 24.79 61.40 6.39
C ASN D 116 24.74 60.79 4.98
N GLY D 117 23.56 60.30 4.57
CA GLY D 117 23.37 59.75 3.23
C GLY D 117 23.94 58.37 2.95
N LYS D 118 24.67 57.78 3.90
CA LYS D 118 25.30 56.47 3.70
C LYS D 118 24.27 55.35 3.70
N MET D 119 24.51 54.34 2.87
CA MET D 119 23.60 53.19 2.77
C MET D 119 24.41 51.91 2.63
N ALA D 120 24.01 50.89 3.38
CA ALA D 120 24.72 49.62 3.41
C ALA D 120 23.82 48.50 2.89
N ASN D 121 24.43 47.52 2.22
CA ASN D 121 23.79 46.28 1.82
C ASN D 121 24.26 45.13 2.73
N ASN D 122 23.30 44.34 3.23
CA ASN D 122 23.58 43.28 4.19
C ASN D 122 24.62 42.26 3.70
N GLN D 123 24.64 41.96 2.41
CA GLN D 123 25.44 40.86 1.90
C GLN D 123 26.95 41.09 2.02
N PRO D 124 27.50 42.14 1.35
CA PRO D 124 28.90 42.47 1.59
C PRO D 124 29.23 42.80 3.06
N CYS D 125 28.30 43.46 3.75
CA CYS D 125 28.53 43.80 5.16
C CYS D 125 28.70 42.54 5.99
N THR D 126 27.87 41.54 5.70
CA THR D 126 27.94 40.26 6.39
C THR D 126 29.24 39.54 6.05
N GLY D 127 29.57 39.46 4.77
CA GLY D 127 30.77 38.75 4.34
C GLY D 127 32.03 39.40 4.86
N ILE D 128 32.04 40.72 4.89
CA ILE D 128 33.21 41.46 5.37
C ILE D 128 33.44 41.22 6.86
N ILE D 129 32.37 41.28 7.67
CA ILE D 129 32.54 41.24 9.12
C ILE D 129 32.93 39.84 9.63
N TYR D 130 32.40 38.80 8.98
CA TYR D 130 32.75 37.42 9.28
C TYR D 130 34.15 37.07 8.78
N ALA D 131 34.52 37.62 7.63
CA ALA D 131 35.89 37.47 7.12
C ALA D 131 36.88 38.19 8.03
N GLU D 132 36.49 39.38 8.49
CA GLU D 132 37.30 40.14 9.43
C GLU D 132 37.52 39.38 10.72
N ILE D 133 36.44 38.87 11.31
CA ILE D 133 36.53 38.12 12.56
C ILE D 133 37.54 36.97 12.41
N ALA D 134 37.39 36.20 11.34
CA ALA D 134 38.32 35.12 10.99
C ALA D 134 39.77 35.58 10.92
N SER D 135 40.00 36.71 10.27
CA SER D 135 41.34 37.22 10.01
C SER D 135 42.07 37.65 11.28
N ARG D 136 41.32 37.94 12.34
CA ARG D 136 41.92 38.42 13.59
C ARG D 136 42.01 37.33 14.66
N TYR D 137 41.88 36.07 14.26
CA TYR D 137 42.11 34.96 15.18
C TYR D 137 43.53 35.11 15.73
N LEU D 138 43.64 35.28 17.04
CA LEU D 138 44.91 35.63 17.68
C LEU D 138 45.96 34.50 17.62
N LYS D 139 45.50 33.25 17.71
CA LYS D 139 46.40 32.09 17.73
C LYS D 139 46.36 31.31 16.41
N ALA D 140 46.40 32.03 15.29
CA ALA D 140 46.30 31.40 13.98
C ALA D 140 47.59 30.68 13.57
N ASP D 141 48.72 31.39 13.70
CA ASP D 141 50.06 30.84 13.43
C ASP D 141 50.35 30.67 11.93
N SER D 142 49.59 31.36 11.08
CA SER D 142 49.70 31.24 9.63
C SER D 142 48.86 32.30 8.91
N LYS D 143 49.25 32.61 7.67
CA LYS D 143 48.51 33.58 6.85
C LYS D 143 47.54 32.91 5.86
N ASP D 144 47.37 31.59 5.95
CA ASP D 144 46.49 30.85 5.04
C ASP D 144 45.05 30.82 5.58
N VAL D 145 44.10 31.13 4.70
CA VAL D 145 42.67 31.07 5.03
C VAL D 145 41.89 30.39 3.91
N LEU D 146 40.97 29.51 4.29
CA LEU D 146 40.09 28.82 3.36
C LEU D 146 38.75 29.54 3.31
N VAL D 147 38.30 29.87 2.11
CA VAL D 147 36.96 30.40 1.90
C VAL D 147 36.15 29.39 1.09
N VAL D 148 35.05 28.94 1.66
CA VAL D 148 34.14 28.04 0.98
C VAL D 148 32.84 28.78 0.71
N GLY D 149 32.54 28.97 -0.57
CA GLY D 149 31.34 29.70 -0.98
C GLY D 149 31.73 31.11 -1.37
N LEU D 150 31.56 31.41 -2.66
CA LEU D 150 31.99 32.69 -3.22
C LEU D 150 30.84 33.43 -3.92
N GLY D 151 29.68 33.46 -3.26
CA GLY D 151 28.49 34.12 -3.79
C GLY D 151 28.34 35.52 -3.21
N LYS D 152 27.11 35.95 -2.97
CA LYS D 152 26.87 37.35 -2.60
C LYS D 152 27.50 37.74 -1.26
N VAL D 153 27.55 36.80 -0.32
CA VAL D 153 28.18 37.01 0.98
C VAL D 153 29.67 36.63 0.93
N GLY D 154 29.97 35.50 0.30
CA GLY D 154 31.33 34.95 0.31
C GLY D 154 32.37 35.73 -0.47
N PHE D 155 31.98 36.28 -1.62
CA PHE D 155 32.91 36.98 -2.50
C PHE D 155 33.51 38.24 -1.83
N PRO D 156 32.66 39.12 -1.26
CA PRO D 156 33.21 40.30 -0.57
C PRO D 156 34.05 39.98 0.67
N GLY D 157 33.75 38.86 1.31
CA GLY D 157 34.57 38.35 2.40
C GLY D 157 35.94 37.94 1.91
N ALA D 158 35.97 37.18 0.81
CA ALA D 158 37.24 36.77 0.19
C ALA D 158 38.05 38.01 -0.23
N GLU D 159 37.40 38.92 -0.94
CA GLU D 159 38.02 40.19 -1.37
C GLU D 159 38.60 41.00 -0.20
N HIS D 160 37.92 40.96 0.94
CA HIS D 160 38.41 41.61 2.15
C HIS D 160 39.69 40.95 2.63
N LEU D 161 39.72 39.62 2.63
CA LEU D 161 40.91 38.87 3.06
C LEU D 161 42.08 39.06 2.09
N VAL D 162 41.79 39.13 0.80
CA VAL D 162 42.82 39.42 -0.19
C VAL D 162 43.49 40.77 0.11
N GLN D 163 42.67 41.78 0.41
CA GLN D 163 43.20 43.12 0.75
C GLN D 163 44.08 43.14 2.00
N LYS D 164 43.83 42.21 2.93
CA LYS D 164 44.61 42.14 4.18
C LYS D 164 45.84 41.24 4.07
N ASP D 165 46.25 40.93 2.83
CA ASP D 165 47.48 40.18 2.56
C ASP D 165 47.48 38.76 3.16
N PHE D 166 46.33 38.12 3.17
CA PHE D 166 46.26 36.72 3.54
C PHE D 166 46.40 35.91 2.26
N ARG D 167 46.96 34.72 2.35
CA ARG D 167 47.02 33.80 1.22
C ARG D 167 45.68 33.07 1.15
N VAL D 168 44.75 33.62 0.38
CA VAL D 168 43.36 33.17 0.39
C VAL D 168 43.16 32.00 -0.57
N TYR D 169 42.75 30.85 -0.01
CA TYR D 169 42.33 29.70 -0.80
C TYR D 169 40.81 29.73 -0.87
N GLY D 170 40.25 29.37 -2.03
CA GLY D 170 38.83 29.49 -2.28
C GLY D 170 38.25 28.31 -3.02
N TYR D 171 37.04 27.90 -2.61
CA TYR D 171 36.27 26.91 -3.34
C TYR D 171 34.78 27.28 -3.37
N ASP D 172 34.16 27.09 -4.53
CA ASP D 172 32.72 27.18 -4.70
C ASP D 172 32.31 26.04 -5.61
N ALA D 173 31.19 25.40 -5.32
CA ALA D 173 30.69 24.29 -6.15
C ALA D 173 30.32 24.72 -7.58
N ASP D 174 29.95 26.00 -7.76
CA ASP D 174 29.70 26.56 -9.09
C ASP D 174 31.04 26.95 -9.71
N GLU D 175 31.42 26.28 -10.80
CA GLU D 175 32.74 26.46 -11.40
C GLU D 175 32.97 27.87 -11.95
N THR D 176 31.98 28.41 -12.66
CA THR D 176 32.04 29.76 -13.21
C THR D 176 32.32 30.81 -12.13
N LEU D 177 31.75 30.60 -10.95
CA LEU D 177 31.93 31.50 -9.81
C LEU D 177 33.36 31.38 -9.27
N LEU D 178 33.89 30.14 -9.24
CA LEU D 178 35.24 29.90 -8.80
C LEU D 178 36.22 30.53 -9.79
N GLU D 179 36.03 30.24 -11.08
CA GLU D 179 36.84 30.81 -12.15
C GLU D 179 36.80 32.34 -12.17
N ARG D 180 35.61 32.92 -11.93
CA ARG D 180 35.45 34.38 -11.87
C ARG D 180 36.13 35.00 -10.65
N ALA D 181 36.14 34.27 -9.53
CA ALA D 181 36.82 34.74 -8.32
C ALA D 181 38.34 34.62 -8.44
N THR D 182 38.82 33.55 -9.07
CA THR D 182 40.26 33.34 -9.21
C THR D 182 40.90 34.44 -10.08
N SER D 183 40.23 34.80 -11.17
CA SER D 183 40.71 35.88 -12.05
C SER D 183 40.59 37.26 -11.38
N ASN D 184 39.40 37.60 -10.89
CA ASN D 184 39.17 38.92 -10.29
C ASN D 184 39.97 39.18 -9.02
N LEU D 185 40.10 38.17 -8.16
CA LEU D 185 40.77 38.35 -6.85
C LEU D 185 42.17 37.75 -6.78
N GLY D 186 42.48 36.80 -7.67
CA GLY D 186 43.75 36.11 -7.59
C GLY D 186 43.88 35.15 -6.42
N ILE D 187 42.75 34.63 -5.91
CA ILE D 187 42.77 33.57 -4.90
C ILE D 187 43.29 32.26 -5.51
N ILE D 188 43.83 31.38 -4.68
CA ILE D 188 44.27 30.07 -5.14
C ILE D 188 43.07 29.10 -5.18
N PRO D 189 42.71 28.57 -6.36
CA PRO D 189 41.58 27.64 -6.39
C PRO D 189 41.90 26.36 -5.63
N PHE D 190 41.02 26.00 -4.70
CA PHE D 190 41.25 24.88 -3.80
C PHE D 190 40.65 23.60 -4.38
N ASP D 191 41.39 22.50 -4.24
CA ASP D 191 40.91 21.19 -4.65
C ASP D 191 40.41 20.46 -3.42
N PRO D 192 39.11 20.10 -3.39
CA PRO D 192 38.62 19.21 -2.32
C PRO D 192 39.35 17.86 -2.30
N ALA D 193 39.74 17.37 -3.47
CA ALA D 193 40.43 16.08 -3.59
C ALA D 193 41.87 16.11 -3.03
N ASN D 194 42.53 17.27 -3.11
CA ASN D 194 43.89 17.44 -2.57
C ASN D 194 43.94 18.45 -1.41
N PRO D 195 43.43 18.06 -0.23
CA PRO D 195 43.34 19.01 0.88
C PRO D 195 44.65 19.29 1.62
N LYS D 196 44.58 20.29 2.48
CA LYS D 196 45.62 20.61 3.45
C LYS D 196 44.91 21.23 4.63
N LYS D 197 45.54 21.27 5.80
CA LYS D 197 44.87 21.76 7.00
C LYS D 197 44.87 23.29 7.06
N PHE D 198 43.85 23.83 7.73
CA PHE D 198 43.73 25.28 7.96
C PHE D 198 43.37 25.53 9.43
N SER D 199 43.87 26.63 9.96
CA SER D 199 43.49 27.10 11.29
C SER D 199 42.43 28.21 11.18
N ILE D 200 42.26 28.77 9.97
CA ILE D 200 41.27 29.81 9.70
C ILE D 200 40.40 29.41 8.50
N ILE D 201 39.09 29.33 8.72
CA ILE D 201 38.13 29.00 7.66
C ILE D 201 36.94 29.95 7.69
N PHE D 202 36.53 30.42 6.50
CA PHE D 202 35.36 31.28 6.33
C PHE D 202 34.40 30.62 5.33
N GLU D 203 33.17 30.34 5.78
CA GLU D 203 32.16 29.62 4.96
C GLU D 203 30.87 30.43 4.85
N ALA D 204 30.35 30.57 3.63
CA ALA D 204 29.10 31.30 3.37
C ALA D 204 28.30 30.59 2.28
N THR D 205 27.67 29.50 2.68
CA THR D 205 26.96 28.61 1.79
C THR D 205 25.63 28.34 2.50
N PRO D 206 24.55 27.98 1.75
CA PRO D 206 23.31 27.58 2.44
C PRO D 206 23.17 26.08 2.63
N CYS D 207 24.29 25.39 2.79
CA CYS D 207 24.31 23.94 2.77
C CYS D 207 25.06 23.37 3.97
N ALA D 208 24.63 22.20 4.39
CA ALA D 208 25.26 21.47 5.47
C ALA D 208 26.50 20.73 4.97
N ASN D 209 27.45 20.49 5.89
CA ASN D 209 28.61 19.63 5.65
C ASN D 209 29.44 20.00 4.41
N THR D 210 29.75 21.29 4.30
CA THR D 210 30.57 21.83 3.21
C THR D 210 32.07 21.86 3.51
N ILE D 211 32.45 21.59 4.76
CA ILE D 211 33.85 21.64 5.18
C ILE D 211 34.34 20.22 5.42
N PRO D 212 35.23 19.71 4.56
CA PRO D 212 35.65 18.32 4.72
C PRO D 212 36.61 18.15 5.90
N GLU D 213 36.55 16.99 6.54
CA GLU D 213 37.33 16.71 7.76
C GLU D 213 38.83 16.97 7.60
N ALA D 214 39.37 16.53 6.47
CA ALA D 214 40.80 16.64 6.15
C ALA D 214 41.34 18.06 6.27
N VAL D 215 40.49 19.02 5.90
CA VAL D 215 40.79 20.45 5.98
C VAL D 215 40.96 20.97 7.42
N LEU D 216 40.30 20.33 8.39
CA LEU D 216 40.28 20.84 9.77
C LEU D 216 41.58 20.56 10.51
N SER D 217 41.89 21.44 11.44
CA SER D 217 42.95 21.23 12.42
C SER D 217 42.42 21.61 13.80
N GLU D 218 43.08 21.10 14.84
CA GLU D 218 42.65 21.33 16.21
C GLU D 218 42.52 22.82 16.51
N ASN D 219 41.45 23.20 17.19
CA ASN D 219 41.24 24.59 17.62
C ASN D 219 41.17 25.62 16.49
N CYS D 220 40.90 25.18 15.26
CA CYS D 220 40.79 26.10 14.13
C CYS D 220 39.51 26.91 14.30
N VAL D 221 39.49 28.10 13.73
CA VAL D 221 38.31 28.96 13.79
C VAL D 221 37.49 28.73 12.54
N LEU D 222 36.18 28.57 12.73
CA LEU D 222 35.23 28.51 11.63
C LEU D 222 34.27 29.69 11.78
N SER D 223 34.38 30.64 10.86
CA SER D 223 33.56 31.84 10.86
C SER D 223 32.57 31.72 9.71
N THR D 224 31.29 31.64 10.05
CA THR D 224 30.30 31.28 9.06
C THR D 224 28.94 31.91 9.33
N PRO D 225 28.49 32.78 8.42
CA PRO D 225 27.10 33.23 8.46
C PRO D 225 26.18 32.21 7.81
N GLY D 226 26.73 31.18 7.17
CA GLY D 226 25.93 30.19 6.45
C GLY D 226 24.90 29.46 7.30
N ILE D 227 23.76 29.13 6.70
CA ILE D 227 22.72 28.38 7.39
C ILE D 227 22.21 27.26 6.46
N PRO D 228 22.12 26.02 6.96
CA PRO D 228 22.50 25.53 8.29
C PRO D 228 24.02 25.41 8.47
N CYS D 229 24.45 24.85 9.60
CA CYS D 229 25.88 24.84 9.95
C CYS D 229 26.74 24.02 8.98
N ALA D 230 27.87 24.60 8.61
CA ALA D 230 28.81 24.04 7.65
C ALA D 230 29.45 22.72 8.07
N ILE D 231 29.53 22.49 9.38
CA ILE D 231 30.03 21.22 9.91
C ILE D 231 29.06 20.62 10.92
N SER D 232 29.11 19.30 11.07
CA SER D 232 28.29 18.60 12.05
C SER D 232 28.76 18.88 13.47
N GLU D 233 27.92 18.53 14.44
CA GLU D 233 28.30 18.68 15.84
C GLU D 233 29.44 17.72 16.22
N GLU D 234 29.49 16.57 15.57
CA GLU D 234 30.55 15.58 15.78
C GLU D 234 31.92 16.12 15.38
N LEU D 235 32.03 16.64 14.16
CA LEU D 235 33.28 17.22 13.65
C LEU D 235 33.68 18.46 14.44
N ARG D 236 32.69 19.24 14.87
CA ARG D 236 32.94 20.45 15.64
C ARG D 236 33.61 20.10 16.97
N ASP D 237 33.04 19.11 17.67
CA ASP D 237 33.56 18.69 18.97
C ASP D 237 34.86 17.90 18.83
N LYS D 238 34.98 17.11 17.77
CA LYS D 238 36.18 16.29 17.54
C LYS D 238 37.45 17.13 17.44
N TYR D 239 37.39 18.20 16.65
CA TYR D 239 38.54 19.08 16.44
C TYR D 239 38.47 20.33 17.31
N GLU D 240 37.47 20.36 18.20
CA GLU D 240 37.26 21.50 19.10
C GLU D 240 37.31 22.80 18.32
N VAL D 241 36.47 22.88 17.30
CA VAL D 241 36.40 24.03 16.41
C VAL D 241 35.85 25.23 17.17
N GLN D 242 36.45 26.39 16.94
CA GLN D 242 35.97 27.63 17.55
C GLN D 242 35.05 28.29 16.55
N LEU D 243 33.76 28.10 16.76
CA LEU D 243 32.71 28.38 15.80
C LEU D 243 32.08 29.76 16.01
N ILE D 244 32.12 30.60 14.96
CA ILE D 244 31.44 31.89 14.98
C ILE D 244 30.34 31.81 13.94
N ALA D 245 29.11 31.73 14.43
CA ALA D 245 27.96 31.52 13.58
C ALA D 245 26.75 32.04 14.32
N GLU D 246 26.04 32.97 13.69
CA GLU D 246 24.91 33.65 14.30
C GLU D 246 24.05 34.14 13.12
N PRO D 247 22.71 34.06 13.25
CA PRO D 247 21.85 34.17 12.06
C PRO D 247 21.57 35.56 11.46
N LEU D 248 21.87 36.64 12.19
CA LEU D 248 21.38 37.97 11.81
C LEU D 248 22.11 39.17 12.43
N GLY D 249 22.43 39.07 13.73
CA GLY D 249 22.89 40.21 14.53
C GLY D 249 24.29 40.74 14.23
N ILE D 250 25.21 39.85 13.85
CA ILE D 250 26.55 40.29 13.48
C ILE D 250 26.51 41.04 12.16
N GLY D 251 25.80 40.49 11.19
CA GLY D 251 25.64 41.12 9.89
C GLY D 251 24.89 42.44 10.00
N THR D 252 23.90 42.49 10.87
CA THR D 252 23.16 43.74 11.11
C THR D 252 24.06 44.79 11.76
N ALA D 253 24.91 44.37 12.69
CA ALA D 253 25.87 45.27 13.31
C ALA D 253 26.81 45.84 12.25
N SER D 254 27.28 45.00 11.33
CA SER D 254 28.16 45.45 10.27
C SER D 254 27.51 46.52 9.39
N MET D 255 26.25 46.32 9.01
CA MET D 255 25.49 47.32 8.24
C MET D 255 25.35 48.65 9.00
N LEU D 256 24.95 48.55 10.26
CA LEU D 256 24.70 49.75 11.09
C LEU D 256 25.95 50.58 11.26
N TYR D 257 27.02 49.96 11.75
CA TYR D 257 28.28 50.68 11.96
C TYR D 257 28.90 51.19 10.66
N SER D 258 28.62 50.55 9.54
CA SER D 258 29.17 51.02 8.25
C SER D 258 28.54 52.33 7.76
N VAL D 259 27.37 52.69 8.29
CA VAL D 259 26.69 53.93 7.89
C VAL D 259 26.74 55.07 8.92
N LEU D 260 27.35 54.81 10.08
CA LEU D 260 27.41 55.83 11.14
C LEU D 260 28.39 56.94 10.77
PA NAI E . 13.22 19.05 1.30
O1A NAI E . 13.80 20.33 1.91
O2A NAI E . 11.89 18.53 1.76
O5B NAI E . 14.30 17.89 1.50
C5B NAI E . 15.65 18.05 1.15
C4B NAI E . 16.41 17.15 2.11
O4B NAI E . 17.78 17.09 1.68
C3B NAI E . 16.37 17.67 3.54
O3B NAI E . 15.94 16.67 4.47
C2B NAI E . 17.78 18.06 3.82
O2B NAI E . 18.15 17.80 5.18
C1B NAI E . 18.55 17.16 2.86
N9A NAI E . 19.93 17.62 2.63
C8A NAI E . 20.39 18.88 2.42
N7A NAI E . 21.73 18.86 2.23
C5A NAI E . 22.17 17.59 2.34
C6A NAI E . 23.45 16.85 2.28
N6A NAI E . 24.63 17.47 2.03
N1A NAI E . 23.43 15.52 2.43
C2A NAI E . 22.30 14.84 2.67
N3A NAI E . 21.10 15.44 2.74
C4A NAI E . 20.97 16.77 2.60
O3 NAI E . 13.15 19.36 -0.26
PN NAI E . 12.27 18.53 -1.32
O1N NAI E . 10.91 19.14 -1.48
O2N NAI E . 12.40 17.05 -1.00
O5D NAI E . 13.08 18.86 -2.68
C5D NAI E . 14.39 18.37 -2.88
C4D NAI E . 14.97 18.94 -4.20
O4D NAI E . 14.18 18.59 -5.33
C3D NAI E . 14.98 20.45 -4.17
O3D NAI E . 16.23 20.90 -4.70
C2D NAI E . 13.82 20.86 -5.06
O2D NAI E . 14.04 22.11 -5.69
C1D NAI E . 13.88 19.75 -6.08
N1N NAI E . 12.70 19.44 -6.86
C2N NAI E . 12.89 19.16 -8.16
C3N NAI E . 11.86 18.79 -8.98
C7N NAI E . 12.07 18.40 -10.43
O7N NAI E . 11.09 18.14 -11.11
N7N NAI E . 13.33 18.24 -10.90
C4N NAI E . 10.47 18.65 -8.40
C5N NAI E . 10.37 19.00 -6.97
C6N NAI E . 11.49 19.34 -6.25
NA NA F . 21.25 18.33 -5.54
MG MG G . 11.48 16.59 -13.22
O2 2YF H . 2.40 29.88 -11.15
C11 2YF H . 3.61 30.08 -10.94
O1 2YF H . 4.42 30.51 -11.94
C 2YF H . 4.21 29.89 -9.59
N 2YF H . 3.18 30.02 -8.57
C1 2YF H . 4.88 28.53 -9.54
C2 2YF H . 5.56 28.22 -8.22
C3 2YF H . 6.17 26.83 -8.30
C4 2YF H . 7.05 26.52 -7.09
N1 2YF H . 7.50 25.14 -7.05
C5 2YF H . 8.70 24.76 -7.53
O 2YF H . 9.51 25.53 -7.99
C6 2YF H . 8.95 23.27 -7.59
N2 2YF H . 10.35 22.89 -7.67
C10 2YF H . 10.83 22.03 -8.46
C9 2YF H . 9.97 21.39 -9.53
C8 2YF H . 8.50 21.35 -9.12
C7 2YF H . 8.18 22.79 -8.82
C1 EDO I . 17.49 -3.51 -12.16
O1 EDO I . 18.26 -2.32 -11.90
C2 EDO I . 17.35 -4.35 -10.88
O2 EDO I . 18.57 -4.39 -10.12
C1 GOL J . 13.35 -13.06 1.04
O1 GOL J . 13.58 -14.21 1.87
C2 GOL J . 14.01 -11.82 1.64
O2 GOL J . 15.27 -12.20 2.22
C3 GOL J . 14.25 -10.76 0.57
O3 GOL J . 13.01 -10.33 -0.01
C1 GOL K . 17.31 32.52 -12.52
O1 GOL K . 17.10 33.29 -13.71
C2 GOL K . 18.74 32.45 -11.99
O2 GOL K . 18.79 33.09 -10.72
C3 GOL K . 19.28 31.02 -11.87
O3 GOL K . 18.90 30.38 -10.64
C1 GOL L . 19.61 14.19 -17.92
O1 GOL L . 19.60 13.69 -19.25
C2 GOL L . 20.91 14.95 -17.73
O2 GOL L . 21.76 14.76 -18.87
C3 GOL L . 20.70 16.44 -17.57
O3 GOL L . 21.00 16.79 -16.24
C1 GOL M . 2.09 4.56 -7.89
O1 GOL M . 2.15 5.41 -6.75
C2 GOL M . 2.12 3.09 -7.46
O2 GOL M . 1.29 2.28 -8.32
C3 GOL M . 3.55 2.58 -7.56
O3 GOL M . 3.62 1.29 -6.93
C1 GOL N . 15.10 -1.52 3.13
O1 GOL N . 15.21 -1.82 1.73
C2 GOL N . 15.28 -2.75 3.99
O2 GOL N . 14.45 -3.83 3.52
C3 GOL N . 16.77 -3.12 4.04
O3 GOL N . 17.00 -4.53 3.86
C1 GOL O . 5.64 10.74 5.96
O1 GOL O . 6.62 10.60 7.01
C2 GOL O . 5.80 12.08 5.25
O2 GOL O . 6.81 12.86 5.94
C3 GOL O . 6.18 11.94 3.78
O3 GOL O . 6.96 13.05 3.32
C1 GOL P . 11.61 -1.17 -10.40
O1 GOL P . 11.39 -0.55 -9.12
C2 GOL P . 11.48 -2.69 -10.37
O2 GOL P . 10.11 -3.05 -10.18
C3 GOL P . 11.96 -3.31 -11.68
O3 GOL P . 13.40 -3.27 -11.81
C1 GOL Q . 13.65 10.88 -30.62
O1 GOL Q . 13.08 9.57 -30.69
C2 GOL Q . 15.15 10.76 -30.37
O2 GOL Q . 15.86 10.37 -31.57
C3 GOL Q . 15.65 12.12 -29.90
O3 GOL Q . 16.59 11.91 -28.85
PA NAI R . -18.96 -17.52 3.93
O1A NAI R . -19.79 -18.80 4.02
O2A NAI R . -19.07 -16.57 5.09
O5B NAI R . -19.26 -16.77 2.55
C5B NAI R . -19.46 -17.48 1.34
C4B NAI R . -20.59 -16.77 0.61
O4B NAI R . -20.64 -17.20 -0.73
C3B NAI R . -21.95 -17.07 1.26
O3B NAI R . -22.51 -15.84 1.69
C2B NAI R . -22.77 -17.75 0.18
O2B NAI R . -24.12 -17.31 0.08
C1B NAI R . -22.02 -17.32 -1.09
N9A NAI R . -22.14 -18.24 -2.24
C8A NAI R . -22.03 -19.58 -2.29
N7A NAI R . -22.17 -20.01 -3.58
C5A NAI R . -22.37 -18.92 -4.37
C6A NAI R . -22.62 -18.60 -5.80
N6A NAI R . -22.67 -19.56 -6.76
N1A NAI R . -22.77 -17.29 -6.17
C2A NAI R . -22.72 -16.27 -5.29
N3A NAI R . -22.52 -16.50 -3.96
C4A NAI R . -22.34 -17.76 -3.47
O3 NAI R . -17.46 -18.03 3.74
PN NAI R . -16.17 -17.05 3.94
O1N NAI R . -15.73 -17.22 5.38
O2N NAI R . -16.44 -15.69 3.39
O5D NAI R . -15.16 -17.93 3.09
C5D NAI R . -15.13 -17.82 1.66
C4D NAI R . -14.11 -18.75 1.04
O4D NAI R . -12.77 -18.32 1.31
C3D NAI R . -14.17 -20.20 1.47
O3D NAI R . -14.04 -21.03 0.30
C2D NAI R . -12.98 -20.37 2.40
O2D NAI R . -12.45 -21.70 2.45
C1D NAI R . -12.00 -19.44 1.71
N1N NAI R . -10.94 -18.84 2.48
C2N NAI R . -9.75 -18.78 1.88
C3N NAI R . -8.66 -18.17 2.46
C7N NAI R . -7.33 -18.13 1.74
O7N NAI R . -6.33 -17.85 2.35
N7N NAI R . -7.26 -18.33 0.42
C4N NAI R . -8.83 -17.50 3.82
C5N NAI R . -10.18 -17.58 4.35
C6N NAI R . -11.19 -18.25 3.67
NA NA S . -14.72 -20.35 -5.35
MG MG T . -4.46 -16.47 1.00
O2 2YF U . -4.27 -25.95 14.12
C11 2YF U . -4.84 -26.55 13.21
O1 2YF U . -4.13 -27.43 12.47
C 2YF U . -6.30 -26.34 12.95
N 2YF U . -6.99 -26.00 14.21
C1 2YF U . -6.50 -25.22 11.93
C2 2YF U . -7.92 -24.98 11.47
C3 2YF U . -7.96 -23.94 10.35
C4 2YF U . -9.36 -23.63 9.90
N1 2YF U . -9.41 -22.50 9.01
C5 2YF U . -9.27 -22.65 7.67
O 2YF U . -9.11 -23.71 7.07
C6 2YF U . -9.26 -21.33 6.97
N2 2YF U . -9.56 -21.40 5.54
C10 2YF U . -8.90 -20.82 4.63
C9 2YF U . -7.63 -20.09 4.94
C8 2YF U . -7.68 -19.55 6.35
C7 2YF U . -7.87 -20.74 7.23
C1 EDO V . 11.64 -6.73 4.70
O1 EDO V . 11.54 -6.14 3.40
C2 EDO V . 11.04 -8.13 4.68
O2 EDO V . 11.84 -9.05 5.43
C1 EDO W . 10.76 -24.97 20.12
O1 EDO W . 9.96 -26.17 20.27
C2 EDO W . 9.99 -23.81 20.72
O2 EDO W . 8.65 -24.21 21.05
C1 EDO X . -15.01 -9.90 -24.02
O1 EDO X . -15.46 -8.73 -24.73
C2 EDO X . -13.53 -10.20 -24.26
O2 EDO X . -13.40 -11.24 -25.25
C1 GOL Y . 6.79 -1.67 11.62
O1 GOL Y . 6.03 -0.79 10.80
C2 GOL Y . 7.41 -0.97 12.82
O2 GOL Y . 6.66 0.21 13.14
C3 GOL Y . 7.43 -1.90 14.03
O3 GOL Y . 8.77 -2.26 14.35
C1 GOL Z . 6.54 1.63 3.27
O1 GOL Z . 5.33 1.26 2.64
C2 GOL Z . 6.64 1.08 4.70
O2 GOL Z . 6.08 -0.21 4.89
C3 GOL Z . 8.12 0.89 4.94
O3 GOL Z . 8.55 -0.32 4.36
C1 GOL AA . 4.54 -27.74 2.22
O1 GOL AA . 3.58 -27.55 1.19
C2 GOL AA . 3.76 -27.97 3.50
O2 GOL AA . 2.87 -29.08 3.26
C3 GOL AA . 4.77 -28.18 4.62
O3 GOL AA . 4.86 -29.56 5.00
C1 GOL BA . 17.09 -18.96 11.95
O1 GOL BA . 18.21 -18.17 12.34
C2 GOL BA . 15.81 -18.17 12.15
O2 GOL BA . 15.81 -17.03 11.29
C3 GOL BA . 14.57 -19.04 11.87
O3 GOL BA . 13.40 -18.23 11.73
C1 GOL CA . -7.05 -0.35 5.79
O1 GOL CA . -7.43 -1.59 5.17
C2 GOL CA . -5.80 -0.58 6.62
O2 GOL CA . -4.82 0.42 6.29
C3 GOL CA . -6.11 -0.50 8.10
O3 GOL CA . -4.90 -0.59 8.86
C1 GOL DA . -1.53 -20.01 -10.57
O1 GOL DA . -2.35 -20.84 -11.39
C2 GOL DA . -2.37 -19.09 -9.70
O2 GOL DA . -3.23 -19.82 -8.80
C3 GOL DA . -1.42 -18.26 -8.87
O3 GOL DA . -2.15 -17.34 -8.09
C1 PEG EA . 4.34 -4.70 -14.00
O1 PEG EA . 3.02 -5.10 -14.37
C2 PEG EA . 4.48 -3.18 -14.22
O2 PEG EA . 5.36 -2.64 -13.24
C3 PEG EA . 6.69 -3.19 -13.30
C4 PEG EA . 7.04 -4.01 -12.05
O4 PEG EA . 7.89 -5.12 -12.38
C1 PEG FA . -5.49 -21.27 22.97
O1 PEG FA . -5.48 -19.85 23.10
C2 PEG FA . -6.91 -21.70 23.26
O2 PEG FA . -7.27 -22.73 22.34
C3 PEG FA . -6.71 -23.99 22.67
C4 PEG FA . -7.83 -24.91 23.13
O4 PEG FA . -8.33 -25.70 22.05
C1 PEG GA . 8.11 -28.00 1.65
O1 PEG GA . 8.87 -26.79 1.50
C2 PEG GA . 9.04 -29.20 1.49
O2 PEG GA . 8.24 -30.38 1.41
C3 PEG GA . 8.67 -31.46 2.22
C4 PEG GA . 8.87 -31.04 3.66
O4 PEG GA . 8.02 -29.97 4.06
PA NAI HA . -19.46 -35.17 -2.01
O1A NAI HA . -18.42 -34.14 -1.67
O2A NAI HA . -19.10 -36.63 -1.94
O5B NAI HA . -20.01 -34.89 -3.49
C5B NAI HA . -20.47 -33.60 -3.88
C4B NAI HA . -20.13 -33.48 -5.35
O4B NAI HA . -20.61 -32.25 -5.88
C3B NAI HA . -18.63 -33.53 -5.61
O3B NAI HA . -18.34 -34.59 -6.52
C2B NAI HA . -18.30 -32.17 -6.21
O2B NAI HA . -17.26 -32.28 -7.20
C1B NAI HA . -19.63 -31.75 -6.80
N9A NAI HA . -19.83 -30.29 -6.94
C8A NAI HA . -19.52 -29.33 -6.05
N7A NAI HA . -19.87 -28.11 -6.51
C5A NAI HA . -20.39 -28.30 -7.73
C6A NAI HA . -20.95 -27.42 -8.77
N6A NAI HA . -20.99 -26.08 -8.57
N1A NAI HA . -21.41 -28.00 -9.91
C2A NAI HA . -21.36 -29.34 -10.10
N3A NAI HA . -20.86 -30.19 -9.20
C4A NAI HA . -20.37 -29.73 -8.01
O3 NAI HA . -20.74 -34.80 -1.09
PN NAI HA . -21.94 -35.83 -0.84
O1N NAI HA . -21.58 -36.66 0.35
O2N NAI HA . -22.25 -36.47 -2.17
O5D NAI HA . -23.14 -34.87 -0.44
C5D NAI HA . -23.75 -34.01 -1.38
C4D NAI HA . -24.70 -33.10 -0.63
O4D NAI HA . -25.77 -33.86 -0.04
C3D NAI HA . -24.05 -32.36 0.54
O3D NAI HA . -24.50 -31.01 0.51
C2D NAI HA . -24.58 -33.02 1.79
O2D NAI HA . -24.76 -32.09 2.86
C1D NAI HA . -25.95 -33.47 1.33
N1N NAI HA . -26.57 -34.60 1.98
C2N NAI HA . -27.89 -34.49 2.24
C3N NAI HA . -28.63 -35.51 2.81
C7N NAI HA . -30.10 -35.34 3.10
O7N NAI HA . -30.66 -36.18 3.77
N7N NAI HA . -30.79 -34.30 2.58
C4N NAI HA . -27.97 -36.84 3.09
C5N NAI HA . -26.54 -36.84 2.77
C6N NAI HA . -25.91 -35.74 2.21
NA NA IA . -27.25 -27.78 -3.67
MG MG JA . -33.36 -36.36 3.09
O2 2YF KA . -25.20 -35.25 16.89
C11 2YF KA . -24.39 -36.20 16.44
O1 2YF KA . -24.45 -37.30 16.94
C 2YF KA . -23.39 -35.94 15.35
N 2YF KA . -22.19 -36.72 15.58
C1 2YF KA . -24.01 -36.27 14.00
C2 2YF KA . -23.09 -35.95 12.83
C3 2YF KA . -23.80 -36.06 11.48
C4 2YF KA . -22.94 -35.50 10.34
N1 2YF KA . -23.51 -35.83 9.06
C5 2YF KA . -24.35 -35.03 8.39
O 2YF KA . -24.67 -33.88 8.70
C6 2YF KA . -25.00 -35.67 7.22
N2 2YF KA . -25.56 -34.62 6.37
C10 2YF KA . -26.63 -34.73 5.72
C9 2YF KA . -27.42 -36.00 5.83
C8 2YF KA . -27.44 -36.49 7.25
C7 2YF KA . -26.04 -36.67 7.78
C1 EDO LA . -22.04 -35.98 4.01
O1 EDO LA . -22.45 -36.87 2.94
C2 EDO LA . -22.05 -36.69 5.36
O2 EDO LA . -20.84 -37.42 5.63
C1 EDO MA . -31.74 -57.24 19.19
O1 EDO MA . -31.28 -58.53 18.78
C2 EDO MA . -32.57 -57.36 20.46
O2 EDO MA . -33.92 -57.63 20.09
PA NAI NA . 24.60 32.66 -2.56
O1A NAI NA . 23.67 31.66 -3.20
O2A NAI NA . 24.81 34.02 -3.16
O5B NAI NA . 26.04 31.97 -2.41
C5B NAI NA . 26.17 30.65 -1.93
C4B NAI NA . 27.34 30.03 -2.67
O4B NAI NA . 27.71 28.84 -1.97
C3B NAI NA . 26.99 29.63 -4.11
O3B NAI NA . 27.90 30.22 -5.03
C2B NAI NA . 27.09 28.13 -4.12
O2B NAI NA . 27.59 27.58 -5.35
C1B NAI NA . 28.04 27.87 -2.96
N9A NAI NA . 27.95 26.47 -2.50
C8A NAI NA . 26.84 25.73 -2.28
N7A NAI NA . 27.18 24.48 -1.87
C5A NAI NA . 28.53 24.42 -1.82
C6A NAI NA . 29.56 23.42 -1.47
N6A NAI NA . 29.19 22.18 -1.07
N1A NAI NA . 30.88 23.76 -1.56
C2A NAI NA . 31.25 25.00 -1.94
N3A NAI NA . 30.37 25.95 -2.28
C4A NAI NA . 29.02 25.74 -2.22
O3 NAI NA . 24.20 32.85 -1.00
PN NAI NA . 24.58 34.17 -0.18
O1N NAI NA . 23.59 35.26 -0.55
O2N NAI NA . 26.06 34.42 -0.27
O5D NAI NA . 24.24 33.62 1.29
C5D NAI NA . 25.14 32.69 1.89
C4D NAI NA . 24.52 32.10 3.14
O4D NAI NA . 24.57 33.05 4.20
C3D NAI NA . 23.06 31.71 2.99
O3D NAI NA . 22.86 30.50 3.70
C2D NAI NA . 22.29 32.85 3.65
O2D NAI NA . 21.07 32.44 4.26
C1D NAI NA . 23.26 33.25 4.74
N1N NAI NA . 23.24 34.62 5.24
C2N NAI NA . 23.46 34.73 6.56
C3N NAI NA . 23.53 35.95 7.21
C7N NAI NA . 23.77 36.00 8.69
O7N NAI NA . 23.69 37.07 9.27
N7N NAI NA . 24.09 34.91 9.39
C4N NAI NA . 23.40 37.22 6.40
C5N NAI NA . 23.15 36.98 4.97
C6N NAI NA . 23.10 35.69 4.45
NA NA OA . 26.47 26.43 5.71
MG MG PA . 24.93 37.45 11.52
O2 2YF QA . 9.86 40.64 7.71
C11 2YF QA . 10.20 41.30 6.73
O1 2YF QA . 10.10 42.63 6.78
C 2YF QA . 10.73 40.62 5.50
N 2YF QA . 10.51 41.41 4.30
C1 2YF QA . 12.22 40.36 5.67
C2 2YF QA . 12.80 39.53 4.53
C3 2YF QA . 14.25 39.29 4.84
C4 2YF QA . 14.88 38.32 3.85
N1 2YF QA . 16.31 38.26 4.09
C5 2YF QA . 16.87 37.31 4.85
O 2YF QA . 16.30 36.39 5.42
C6 2YF QA . 18.34 37.46 5.03
N2 2YF QA . 18.97 36.19 5.39
C10 2YF QA . 19.95 36.08 6.16
C9 2YF QA . 20.60 37.30 6.78
C8 2YF QA . 19.90 38.63 6.60
C7 2YF QA . 18.46 38.45 6.20
C1 GOL RA . 8.49 49.15 -0.25
O1 GOL RA . 8.14 47.81 0.15
C2 GOL RA . 9.62 49.66 0.62
O2 GOL RA . 10.36 50.71 -0.04
C3 GOL RA . 9.09 50.22 1.93
O3 GOL RA . 9.70 51.51 2.07
#